data_5U8R
#
_entry.id   5U8R
#
_cell.length_a   95.030
_cell.length_b   201.730
_cell.length_c   117.750
_cell.angle_alpha   90.000
_cell.angle_beta   90.000
_cell.angle_gamma   90.000
#
_symmetry.space_group_name_H-M   'P 21 21 2'
#
loop_
_entity.id
_entity.type
_entity.pdbx_description
1 polymer 'Insulin-like growth factor 1 receptor'
2 polymer 'Fv 24-60 heavy chain'
3 polymer 'Fv 24-60 light chain'
4 branched 2-acetamido-2-deoxy-beta-D-glucopyranose-(1-4)-2-acetamido-2-deoxy-beta-D-glucopyranose
5 non-polymer 'SULFATE ION'
6 non-polymer D-MALATE
7 non-polymer 2-acetamido-2-deoxy-beta-D-glucopyranose
8 non-polymer IMIDAZOLE
#
loop_
_entity_poly.entity_id
_entity_poly.type
_entity_poly.pdbx_seq_one_letter_code
_entity_poly.pdbx_strand_id
1 'polypeptide(L)'
;EICGPGIDIRNDYQQLKRLENCTVIEGYLHILLISKAEDYRSYRFPKLTVITEYLLLFRVAGLESLGDLFPNLTVIRGWK
LFYNYALVIFEMTNLKDIGLYNLRNITRGAIRIEKNADLCYLSTVDWSLILDAVSNNYIVGNKPPKECGDLCPGTMEEKP
MCEKTTINNEYNYRCWTTNRCQKMCPSTCGKRACTENNECCHPECLGSCSAPDNDTACVACRHYYYAGVCVPACPPNTYR
FEGWRCVDRDFCANILSAESSDSEGFVIHDGECMQECPSGFIRNGSQSMYCIPCEGPCPKVCEEEKKTKTIDSVTSAQML
QGCTIFKGNLLINIRRGNNIASELENFMGLIEVVTGYVKIRHSHALVSLSFLKNLRLILGEEQLEGNYSFYVLDNQNLQQ
LWDWDHRNLTIKAGKMYFAFNPKLCVSEIYRMEEVTGTKGRQSKGDINTRNNGERASCESDVLHFTSTTTSKNRIIITWH
RYRPPDYRDLISFTVYYKEAPFKNVTEYDGQDACGSNSWNMVDVDLPPNKDVEPGILLHGLKPWTQYAVYVKAVTLTMVE
NDHIRGAKSEILYIRTNASVPSIPLDVLSASNSSSQLIVKWNPPSLPNGNLSYYIVRWQRQPQDGYLYRHNYCSKDKIPI
RKYADGTIDIEEVTENPKTEVCGGEKGPCCACPKTEAEKQAEKEEAEYRKVFENFLHNSIFVPRPERKRRDVMQVANAGN
NETEYPFFESRVDNKERTVISNLRPFTLYRIDIHSCNHEAEKLGCSASNFVFARTMPAEGADDIPGPVTWEPRPENSIFL
KWPEPENPNGLILMYEIKYGSQVEDQRECVSRQEYRKYGGAKLNRLNPGNYTARIQATSLSGNGSWTDPVFFYVQAKTGY
ENFIH
;
A
2 'polypeptide(L)'
;GTQVQLQQSGPDVVRPGVSVKISCKGSGYTFTDYAIHWVKQSHAKSLEWIGVISTYNGNTKYNQKFKGKAAITVDKSSST
AYLELARLTSEDSAIYYCASYGDLYVMDYWGQGTSVTVSSENLYFQ
;
H
3 'polypeptide(L)'
;GDIVLTQSPATLSVTPGDSVSLSCRASQTISNNLHWYQQKSHESPRLLIKYASQSISGIPSRFSGSGSGTDFTLSINSVE
TEDFGMYFCQQSNSWPRTFGAGTKLELK
;
L
#
loop_
_chem_comp.id
_chem_comp.type
_chem_comp.name
_chem_comp.formula
IMD non-polymer IMIDAZOLE 'C3 H5 N2 1'
MLT non-polymer D-MALATE 'C4 H6 O5'
NAG D-saccharide, beta linking 2-acetamido-2-deoxy-beta-D-glucopyranose 'C8 H15 N O6'
SO4 non-polymer 'SULFATE ION' 'O4 S -2'
#
# COMPACT_ATOMS: atom_id res chain seq x y z
N GLU A 1 19.00 28.22 -4.60
CA GLU A 1 19.79 27.18 -3.94
C GLU A 1 18.89 26.08 -3.38
N ILE A 2 18.85 24.95 -4.08
CA ILE A 2 18.06 23.80 -3.65
C ILE A 2 18.98 22.86 -2.88
N CYS A 3 18.53 22.43 -1.71
CA CYS A 3 19.26 21.50 -0.86
C CYS A 3 18.44 20.23 -0.68
N GLY A 4 19.11 19.08 -0.74
CA GLY A 4 18.45 17.81 -0.59
C GLY A 4 19.34 16.64 -0.93
N PRO A 5 18.74 15.46 -1.15
CA PRO A 5 17.29 15.26 -1.11
C PRO A 5 16.77 14.96 0.31
N GLY A 6 17.55 15.31 1.32
CA GLY A 6 17.15 15.09 2.69
C GLY A 6 18.20 15.56 3.69
N ILE A 7 17.83 16.47 4.57
CA ILE A 7 18.74 17.03 5.56
C ILE A 7 18.43 16.40 6.92
N ASP A 8 19.46 15.84 7.55
CA ASP A 8 19.33 15.19 8.85
C ASP A 8 20.45 15.71 9.75
N ILE A 9 20.14 16.76 10.51
CA ILE A 9 21.09 17.39 11.42
C ILE A 9 20.81 16.89 12.84
N ARG A 10 21.83 16.35 13.49
CA ARG A 10 21.65 15.80 14.82
C ARG A 10 22.92 15.94 15.64
N ASN A 11 22.80 15.67 16.94
CA ASN A 11 23.91 15.71 17.88
C ASN A 11 24.63 17.05 17.89
N ASP A 12 25.54 17.23 16.93
CA ASP A 12 26.32 18.46 16.87
C ASP A 12 25.44 19.65 16.56
N TYR A 13 25.38 20.60 17.49
CA TYR A 13 24.62 21.83 17.24
C TYR A 13 25.28 22.71 16.18
N GLN A 14 26.59 22.56 15.98
CA GLN A 14 27.27 23.29 14.91
C GLN A 14 26.95 22.72 13.53
N GLN A 15 26.46 21.48 13.47
CA GLN A 15 26.10 20.87 12.19
C GLN A 15 24.91 21.53 11.54
N LEU A 16 24.21 22.43 12.25
CA LEU A 16 23.11 23.17 11.66
C LEU A 16 23.58 24.16 10.60
N LYS A 17 24.90 24.36 10.46
CA LYS A 17 25.45 25.31 9.50
C LYS A 17 25.20 24.91 8.05
N ARG A 18 24.74 23.68 7.80
CA ARG A 18 24.48 23.22 6.44
C ARG A 18 23.32 23.95 5.78
N LEU A 19 22.63 24.83 6.50
CA LEU A 19 21.47 25.56 5.97
C LEU A 19 21.81 27.03 5.71
N GLU A 20 23.09 27.38 5.57
CA GLU A 20 23.46 28.77 5.39
C GLU A 20 22.89 29.35 4.09
N ASN A 21 22.92 28.57 3.01
CA ASN A 21 22.54 29.05 1.70
C ASN A 21 21.21 28.50 1.19
N CYS A 22 20.66 27.49 1.86
CA CYS A 22 19.47 26.82 1.35
C CYS A 22 18.26 27.76 1.41
N THR A 23 17.64 27.99 0.25
CA THR A 23 16.35 28.67 0.20
C THR A 23 15.18 27.70 0.07
N VAL A 24 15.39 26.56 -0.57
CA VAL A 24 14.40 25.49 -0.65
C VAL A 24 15.10 24.20 -0.23
N ILE A 25 14.41 23.40 0.59
CA ILE A 25 14.93 22.11 1.03
C ILE A 25 14.10 21.04 0.31
N GLU A 26 14.69 20.44 -0.72
CA GLU A 26 14.05 19.34 -1.43
C GLU A 26 14.14 18.09 -0.56
N GLY A 27 13.01 17.67 0.00
CA GLY A 27 12.98 16.55 0.92
C GLY A 27 12.81 17.01 2.36
N TYR A 28 12.79 16.03 3.25
CA TYR A 28 12.51 16.29 4.66
C TYR A 28 13.65 17.09 5.29
N LEU A 29 13.41 17.51 6.53
CA LEU A 29 14.42 18.18 7.35
C LEU A 29 14.34 17.64 8.77
N HIS A 30 15.46 17.15 9.29
CA HIS A 30 15.53 16.55 10.62
C HIS A 30 16.50 17.34 11.48
N ILE A 31 16.00 17.85 12.61
CA ILE A 31 16.83 18.53 13.60
C ILE A 31 16.59 17.80 14.91
N LEU A 32 17.50 16.90 15.27
CA LEU A 32 17.31 15.98 16.38
C LEU A 32 18.46 16.10 17.37
N LEU A 33 18.16 15.84 18.64
CA LEU A 33 19.17 15.66 19.69
C LEU A 33 20.21 16.77 19.69
N ILE A 34 19.76 17.99 19.44
CA ILE A 34 20.64 19.16 19.42
C ILE A 34 20.71 19.76 20.82
N SER A 35 21.91 20.18 21.21
CA SER A 35 22.15 20.78 22.52
C SER A 35 22.89 22.10 22.30
N LYS A 36 22.12 23.18 22.13
CA LYS A 36 22.71 24.49 21.93
C LYS A 36 23.49 24.93 23.17
N ALA A 37 24.68 25.46 22.96
CA ALA A 37 25.52 25.92 24.05
C ALA A 37 26.01 27.35 23.81
N ARG A 41 27.12 31.76 19.70
CA ARG A 41 26.13 32.66 19.12
C ARG A 41 25.00 31.89 18.45
N SER A 42 23.87 32.58 18.22
CA SER A 42 22.69 31.96 17.67
C SER A 42 22.86 31.72 16.16
N TYR A 43 21.96 30.92 15.61
CA TYR A 43 21.90 30.63 14.19
C TYR A 43 20.53 31.02 13.66
N ARG A 44 20.52 31.84 12.61
CA ARG A 44 19.28 32.31 12.00
C ARG A 44 19.38 32.12 10.50
N PHE A 45 18.36 31.52 9.90
CA PHE A 45 18.34 31.20 8.47
C PHE A 45 17.12 31.86 7.83
N PRO A 46 17.21 33.14 7.47
CA PRO A 46 16.11 33.76 6.72
C PRO A 46 16.06 33.34 5.26
N LYS A 47 17.08 32.61 4.78
CA LYS A 47 17.09 32.18 3.39
C LYS A 47 16.01 31.14 3.12
N LEU A 48 15.79 30.23 4.06
CA LEU A 48 14.85 29.14 3.86
C LEU A 48 13.41 29.66 3.85
N THR A 49 12.64 29.23 2.86
CA THR A 49 11.25 29.62 2.70
C THR A 49 10.34 28.43 2.42
N VAL A 50 10.81 27.44 1.67
CA VAL A 50 10.00 26.31 1.25
C VAL A 50 10.67 25.01 1.72
N ILE A 51 9.86 24.05 2.16
CA ILE A 51 10.34 22.74 2.55
C ILE A 51 9.36 21.71 1.96
N THR A 52 9.80 21.01 0.92
CA THR A 52 9.02 19.88 0.43
C THR A 52 9.10 18.74 1.44
N GLU A 53 8.13 17.84 1.37
CA GLU A 53 7.96 16.77 2.36
C GLU A 53 7.75 17.43 3.73
N TYR A 54 8.21 16.80 4.81
CA TYR A 54 7.88 17.22 6.16
C TYR A 54 9.08 17.85 6.85
N LEU A 55 8.83 18.36 8.06
CA LEU A 55 9.86 18.93 8.93
C LEU A 55 9.71 18.31 10.31
N LEU A 56 10.81 17.81 10.86
CA LEU A 56 10.80 17.13 12.15
C LEU A 56 11.76 17.80 13.11
N LEU A 57 11.31 17.98 14.35
CA LEU A 57 12.11 18.55 15.43
C LEU A 57 11.95 17.67 16.66
N PHE A 58 13.06 17.34 17.30
CA PHE A 58 13.03 16.37 18.40
C PHE A 58 14.21 16.62 19.34
N ARG A 59 13.91 16.94 20.59
CA ARG A 59 14.91 17.06 21.66
C ARG A 59 16.02 18.05 21.29
N VAL A 60 15.61 19.28 21.02
CA VAL A 60 16.54 20.38 20.76
C VAL A 60 16.54 21.27 21.98
N ALA A 61 17.64 21.24 22.74
CA ALA A 61 17.75 22.03 23.96
C ALA A 61 18.35 23.39 23.64
N GLY A 62 17.84 24.43 24.32
CA GLY A 62 18.29 25.79 24.15
C GLY A 62 17.42 26.60 23.21
N LEU A 63 16.76 25.96 22.25
CA LEU A 63 15.92 26.68 21.30
C LEU A 63 14.63 27.11 21.99
N GLU A 64 14.33 28.41 21.93
CA GLU A 64 13.13 28.96 22.55
C GLU A 64 11.98 29.14 21.58
N SER A 65 12.25 29.46 20.33
CA SER A 65 11.20 29.68 19.34
C SER A 65 11.70 29.23 17.97
N LEU A 66 10.76 28.75 17.15
CA LEU A 66 11.12 28.33 15.79
C LEU A 66 11.47 29.52 14.90
N GLY A 67 11.01 30.72 15.24
CA GLY A 67 11.41 31.91 14.50
C GLY A 67 12.87 32.24 14.63
N ASP A 68 13.55 31.71 15.65
CA ASP A 68 14.98 31.93 15.81
C ASP A 68 15.79 31.26 14.70
N LEU A 69 15.24 30.24 14.05
CA LEU A 69 15.94 29.50 13.01
C LEU A 69 15.39 29.82 11.62
N PHE A 70 14.09 29.59 11.39
CA PHE A 70 13.47 29.74 10.07
C PHE A 70 12.35 30.76 10.16
N PRO A 71 12.68 32.05 10.12
CA PRO A 71 11.63 33.09 10.23
C PRO A 71 10.84 33.25 8.94
N ASN A 72 11.47 32.97 7.81
CA ASN A 72 10.85 33.16 6.50
C ASN A 72 10.25 31.88 5.94
N LEU A 73 10.18 30.81 6.72
CA LEU A 73 9.56 29.57 6.26
C LEU A 73 8.09 29.82 5.97
N THR A 74 7.68 29.58 4.73
CA THR A 74 6.35 29.92 4.25
C THR A 74 5.51 28.70 3.90
N VAL A 75 6.05 27.75 3.13
CA VAL A 75 5.29 26.62 2.63
C VAL A 75 6.02 25.33 2.99
N ILE A 76 5.33 24.45 3.72
CA ILE A 76 5.76 23.08 3.94
C ILE A 76 4.85 22.22 3.07
N ARG A 77 5.38 21.73 1.95
CA ARG A 77 4.54 21.08 0.95
C ARG A 77 4.02 19.73 1.43
N GLY A 78 4.81 19.01 2.23
CA GLY A 78 4.36 17.70 2.69
C GLY A 78 4.17 16.70 1.57
N TRP A 79 5.02 16.75 0.55
CA TRP A 79 4.90 15.81 -0.56
C TRP A 79 5.02 14.38 -0.09
N LYS A 80 5.97 14.11 0.81
CA LYS A 80 6.06 12.85 1.52
C LYS A 80 5.99 13.13 3.01
N LEU A 81 5.13 12.39 3.71
CA LEU A 81 4.77 12.69 5.08
C LEU A 81 5.46 11.73 6.05
N PHE A 82 5.70 12.23 7.27
CA PHE A 82 6.20 11.41 8.37
C PHE A 82 5.00 10.81 9.09
N TYR A 83 4.51 9.70 8.53
CA TYR A 83 3.32 9.00 9.04
C TYR A 83 2.12 9.94 9.09
N ASN A 84 1.79 10.49 7.91
CA ASN A 84 0.66 11.41 7.71
C ASN A 84 0.83 12.71 8.48
N TYR A 85 2.06 13.06 8.86
CA TYR A 85 2.35 14.32 9.54
C TYR A 85 3.32 15.13 8.70
N ALA A 86 3.01 16.42 8.55
CA ALA A 86 3.89 17.34 7.83
C ALA A 86 4.79 18.15 8.75
N LEU A 87 4.52 18.15 10.06
CA LEU A 87 5.33 18.88 11.02
C LEU A 87 5.24 18.17 12.35
N VAL A 88 6.39 17.75 12.89
CA VAL A 88 6.46 17.03 14.16
C VAL A 88 7.37 17.81 15.10
N ILE A 89 6.80 18.25 16.22
CA ILE A 89 7.54 18.94 17.27
C ILE A 89 7.33 18.13 18.54
N PHE A 90 8.30 17.26 18.86
CA PHE A 90 8.15 16.27 19.91
C PHE A 90 9.30 16.39 20.90
N GLU A 91 8.95 16.50 22.19
CA GLU A 91 9.92 16.58 23.28
C GLU A 91 10.94 17.70 23.05
N MET A 92 10.45 18.85 22.62
CA MET A 92 11.28 20.04 22.46
C MET A 92 11.29 20.80 23.78
N THR A 93 12.42 20.74 24.49
CA THR A 93 12.56 21.46 25.74
C THR A 93 12.96 22.91 25.48
N ASN A 94 12.61 23.79 26.42
CA ASN A 94 12.92 25.21 26.38
C ASN A 94 12.18 25.94 25.26
N LEU A 95 11.43 25.21 24.44
CA LEU A 95 10.69 25.82 23.34
C LEU A 95 9.43 26.48 23.88
N LYS A 96 9.21 27.75 23.54
CA LYS A 96 8.09 28.52 24.06
C LYS A 96 6.96 28.73 23.07
N ASP A 97 7.26 28.77 21.77
CA ASP A 97 6.23 29.01 20.76
C ASP A 97 6.72 28.53 19.41
N ILE A 98 5.77 28.24 18.53
CA ILE A 98 6.07 27.98 17.13
C ILE A 98 6.24 29.33 16.45
N GLY A 99 7.48 29.80 16.36
CA GLY A 99 7.76 31.13 15.87
C GLY A 99 7.73 31.27 14.36
N LEU A 100 7.15 30.29 13.67
CA LEU A 100 7.03 30.36 12.21
C LEU A 100 5.94 31.34 11.82
N TYR A 101 6.19 32.64 12.00
CA TYR A 101 5.17 33.64 11.74
C TYR A 101 4.96 33.93 10.25
N ASN A 102 5.79 33.37 9.38
CA ASN A 102 5.60 33.51 7.94
C ASN A 102 5.02 32.26 7.29
N LEU A 103 4.70 31.23 8.08
CA LEU A 103 4.09 30.03 7.55
C LEU A 103 2.69 30.34 7.04
N ARG A 104 2.40 29.94 5.81
CA ARG A 104 1.15 30.30 5.15
C ARG A 104 0.33 29.08 4.73
N ASN A 105 0.95 28.09 4.07
CA ASN A 105 0.22 26.96 3.54
C ASN A 105 1.01 25.68 3.78
N ILE A 106 0.35 24.70 4.39
CA ILE A 106 0.86 23.34 4.50
C ILE A 106 -0.01 22.48 3.59
N THR A 107 0.57 22.03 2.47
CA THR A 107 -0.24 21.50 1.38
C THR A 107 -0.80 20.11 1.68
N ARG A 108 -0.07 19.29 2.45
CA ARG A 108 -0.48 17.91 2.67
C ARG A 108 -0.04 17.48 4.06
N GLY A 109 -0.90 16.69 4.71
CA GLY A 109 -0.57 16.09 5.99
C GLY A 109 -1.13 16.89 7.16
N ALA A 110 -0.93 16.32 8.35
CA ALA A 110 -1.38 16.90 9.60
C ALA A 110 -0.18 17.37 10.41
N ILE A 111 -0.44 17.80 11.65
CA ILE A 111 0.59 18.31 12.55
C ILE A 111 0.59 17.46 13.81
N ARG A 112 1.79 17.17 14.32
CA ARG A 112 1.97 16.46 15.58
C ARG A 112 2.82 17.31 16.50
N ILE A 113 2.19 17.91 17.50
CA ILE A 113 2.87 18.74 18.49
C ILE A 113 2.66 18.08 19.85
N GLU A 114 3.72 17.53 20.42
CA GLU A 114 3.59 16.68 21.59
C GLU A 114 4.75 16.89 22.56
N LYS A 115 4.42 16.87 23.86
CA LYS A 115 5.40 16.83 24.94
C LYS A 115 6.35 18.03 24.91
N ASN A 116 5.75 19.23 24.99
CA ASN A 116 6.50 20.48 25.05
C ASN A 116 5.96 21.26 26.25
N ALA A 117 6.61 21.10 27.40
CA ALA A 117 6.09 21.62 28.66
C ALA A 117 6.06 23.14 28.72
N ASP A 118 6.78 23.82 27.83
CA ASP A 118 6.83 25.28 27.84
C ASP A 118 6.24 25.89 26.58
N LEU A 119 5.57 25.11 25.75
CA LEU A 119 5.09 25.59 24.45
C LEU A 119 3.74 26.29 24.64
N CYS A 120 3.73 27.61 24.43
CA CYS A 120 2.52 28.41 24.43
C CYS A 120 2.16 28.78 23.00
N TYR A 121 1.16 29.66 22.85
CA TYR A 121 0.73 30.17 21.55
C TYR A 121 0.28 29.04 20.63
N LEU A 122 -0.44 28.07 21.19
CA LEU A 122 -1.04 27.00 20.40
C LEU A 122 -2.47 27.35 20.01
N SER A 123 -3.29 27.78 20.97
CA SER A 123 -4.64 28.21 20.68
C SER A 123 -4.69 29.55 19.96
N THR A 124 -3.59 30.30 19.99
CA THR A 124 -3.52 31.59 19.30
C THR A 124 -3.28 31.46 17.81
N VAL A 125 -3.15 30.24 17.28
CA VAL A 125 -2.89 30.00 15.88
C VAL A 125 -4.13 29.39 15.26
N ASP A 126 -4.63 29.98 14.17
CA ASP A 126 -5.76 29.45 13.43
C ASP A 126 -5.20 28.53 12.36
N TRP A 127 -4.99 27.26 12.74
CA TRP A 127 -4.44 26.28 11.82
C TRP A 127 -5.41 25.94 10.69
N SER A 128 -6.65 26.41 10.75
CA SER A 128 -7.63 26.08 9.72
C SER A 128 -7.38 26.82 8.42
N LEU A 129 -6.54 27.86 8.44
CA LEU A 129 -6.25 28.63 7.24
C LEU A 129 -4.84 28.40 6.71
N ILE A 130 -4.01 27.65 7.42
CA ILE A 130 -2.69 27.29 6.94
C ILE A 130 -2.61 25.84 6.47
N LEU A 131 -3.53 24.97 6.92
CA LEU A 131 -3.58 23.59 6.45
C LEU A 131 -5.03 23.20 6.25
N ASP A 132 -5.24 21.99 5.72
CA ASP A 132 -6.57 21.52 5.34
C ASP A 132 -7.14 20.50 6.31
N ALA A 133 -6.37 19.46 6.64
CA ALA A 133 -6.87 18.38 7.49
C ALA A 133 -6.63 18.72 8.97
N VAL A 134 -7.40 19.71 9.43
CA VAL A 134 -7.29 20.15 10.82
C VAL A 134 -7.87 19.12 11.77
N SER A 135 -8.74 18.23 11.28
CA SER A 135 -9.36 17.24 12.16
C SER A 135 -8.35 16.21 12.65
N ASN A 136 -7.40 15.82 11.79
CA ASN A 136 -6.45 14.77 12.11
C ASN A 136 -5.16 15.31 12.73
N ASN A 137 -5.18 16.53 13.26
CA ASN A 137 -4.01 17.07 13.93
C ASN A 137 -3.90 16.49 15.34
N TYR A 138 -2.67 16.44 15.84
CA TYR A 138 -2.37 15.85 17.16
C TYR A 138 -1.61 16.88 17.98
N ILE A 139 -2.32 17.53 18.91
CA ILE A 139 -1.73 18.53 19.81
C ILE A 139 -2.08 18.10 21.23
N VAL A 140 -1.18 17.34 21.86
CA VAL A 140 -1.36 16.84 23.21
C VAL A 140 -0.06 17.00 23.97
N GLY A 141 -0.17 17.07 25.30
CA GLY A 141 1.00 17.02 26.15
C GLY A 141 1.84 18.27 26.20
N ASN A 142 1.32 19.41 25.73
CA ASN A 142 2.05 20.65 25.76
C ASN A 142 1.76 21.39 27.06
N LYS A 143 2.17 22.65 27.13
CA LYS A 143 1.89 23.46 28.32
C LYS A 143 0.39 23.70 28.41
N PRO A 144 -0.23 23.44 29.56
CA PRO A 144 -1.68 23.61 29.68
C PRO A 144 -2.06 25.07 29.49
N PRO A 145 -3.13 25.34 28.73
CA PRO A 145 -3.53 26.74 28.51
C PRO A 145 -3.89 27.47 29.80
N LYS A 146 -4.30 26.75 30.84
CA LYS A 146 -4.62 27.39 32.11
C LYS A 146 -3.37 28.00 32.75
N GLU A 147 -2.23 27.34 32.61
CA GLU A 147 -0.95 27.87 33.09
C GLU A 147 -0.06 28.20 31.89
N CYS A 148 -0.43 29.27 31.19
CA CYS A 148 0.42 29.81 30.14
C CYS A 148 0.41 31.33 30.20
N GLY A 149 -0.59 31.95 29.58
CA GLY A 149 -0.68 33.39 29.56
C GLY A 149 -0.43 33.98 28.19
N ASP A 150 -1.17 33.50 27.18
CA ASP A 150 -0.99 33.98 25.82
C ASP A 150 -1.51 35.41 25.69
N LEU A 151 -0.65 36.29 25.18
CA LEU A 151 -1.04 37.69 24.97
C LEU A 151 -0.34 38.18 23.71
N CYS A 152 -1.11 38.39 22.65
CA CYS A 152 -0.58 38.96 21.42
C CYS A 152 -0.13 40.39 21.68
N PRO A 153 0.78 40.92 20.85
CA PRO A 153 1.26 42.28 21.06
C PRO A 153 0.13 43.30 20.97
N GLY A 154 0.09 44.22 21.93
CA GLY A 154 -0.95 45.24 21.98
C GLY A 154 -1.77 45.18 23.25
N CYS A 162 -3.95 43.07 16.59
CA CYS A 162 -4.04 42.63 15.20
C CYS A 162 -5.39 41.97 14.93
N GLU A 163 -5.47 41.16 13.88
CA GLU A 163 -6.75 40.61 13.44
C GLU A 163 -7.21 39.47 14.33
N LYS A 164 -8.37 38.91 13.99
CA LYS A 164 -8.98 37.83 14.75
C LYS A 164 -10.06 37.20 13.90
N THR A 165 -10.40 35.95 14.22
CA THR A 165 -11.44 35.23 13.48
C THR A 165 -12.09 34.23 14.42
N THR A 166 -12.87 33.31 13.85
CA THR A 166 -13.70 32.39 14.61
C THR A 166 -13.04 31.03 14.75
N ILE A 167 -12.92 30.56 15.98
CA ILE A 167 -12.53 29.19 16.30
C ILE A 167 -13.72 28.52 16.97
N ASN A 168 -14.26 27.49 16.32
CA ASN A 168 -15.50 26.83 16.74
C ASN A 168 -16.58 27.90 16.80
N ASN A 169 -17.20 28.16 17.95
CA ASN A 169 -18.13 29.27 18.11
C ASN A 169 -17.50 30.46 18.82
N GLU A 170 -16.19 30.41 19.07
CA GLU A 170 -15.48 31.46 19.77
C GLU A 170 -14.75 32.36 18.77
N TYR A 171 -14.52 33.61 19.18
CA TYR A 171 -13.80 34.59 18.38
C TYR A 171 -12.73 35.23 19.25
N ASN A 172 -11.47 35.03 18.88
CA ASN A 172 -10.35 35.51 19.69
C ASN A 172 -9.21 35.92 18.77
N TYR A 173 -8.22 36.59 19.34
CA TYR A 173 -7.11 37.12 18.57
C TYR A 173 -6.18 35.99 18.09
N ARG A 174 -5.45 36.27 17.01
CA ARG A 174 -4.56 35.30 16.39
C ARG A 174 -3.15 35.89 16.30
N CYS A 175 -2.17 35.12 16.75
CA CYS A 175 -0.77 35.53 16.64
C CYS A 175 0.12 34.31 16.82
N TRP A 176 1.33 34.40 16.27
CA TRP A 176 2.29 33.31 16.36
C TRP A 176 3.17 33.42 17.60
N THR A 177 3.67 34.61 17.89
CA THR A 177 4.53 34.83 19.05
C THR A 177 4.08 36.11 19.75
N THR A 178 4.87 36.55 20.73
CA THR A 178 4.53 37.72 21.52
C THR A 178 4.78 39.03 20.78
N ASN A 179 5.49 39.01 19.66
CA ASN A 179 5.78 40.21 18.89
C ASN A 179 5.18 40.22 17.49
N ARG A 180 5.02 39.06 16.86
CA ARG A 180 4.45 38.97 15.52
C ARG A 180 3.08 38.33 15.60
N CYS A 181 2.17 38.78 14.74
CA CYS A 181 0.83 38.23 14.66
C CYS A 181 0.71 37.30 13.46
N GLN A 182 -0.45 36.65 13.36
CA GLN A 182 -0.74 35.71 12.28
C GLN A 182 -1.18 36.49 11.05
N LYS A 183 -0.36 36.44 10.00
CA LYS A 183 -0.68 37.17 8.77
C LYS A 183 -1.83 36.49 8.03
N MET A 184 -2.77 37.31 7.55
CA MET A 184 -3.94 36.83 6.83
C MET A 184 -4.12 37.64 5.55
N CYS A 185 -4.97 37.15 4.67
CA CYS A 185 -5.24 37.80 3.40
C CYS A 185 -6.64 38.41 3.39
N PRO A 186 -6.84 39.49 2.64
CA PRO A 186 -8.17 40.11 2.59
C PRO A 186 -9.20 39.20 1.96
N SER A 187 -10.47 39.58 2.13
CA SER A 187 -11.57 38.78 1.63
C SER A 187 -11.67 38.80 0.11
N THR A 188 -11.12 39.83 -0.54
CA THR A 188 -11.30 39.97 -1.98
C THR A 188 -10.46 39.00 -2.80
N CYS A 189 -9.38 38.46 -2.22
CA CYS A 189 -8.53 37.54 -2.99
C CYS A 189 -9.10 36.12 -3.04
N GLY A 190 -9.97 35.74 -2.11
CA GLY A 190 -10.53 34.41 -2.10
C GLY A 190 -9.50 33.31 -1.87
N LYS A 191 -9.40 32.36 -2.81
CA LYS A 191 -8.43 31.29 -2.70
C LYS A 191 -7.02 31.73 -3.06
N ARG A 192 -6.85 32.93 -3.60
CA ARG A 192 -5.53 33.40 -4.02
C ARG A 192 -4.69 33.81 -2.81
N ALA A 193 -3.46 34.20 -3.07
CA ALA A 193 -2.55 34.67 -2.04
C ALA A 193 -2.44 36.19 -2.09
N CYS A 194 -1.78 36.76 -1.07
CA CYS A 194 -1.69 38.21 -0.95
C CYS A 194 -0.28 38.59 -0.49
N THR A 195 0.16 39.76 -0.93
CA THR A 195 1.40 40.35 -0.46
C THR A 195 1.22 40.83 0.99
N GLU A 196 2.34 41.18 1.62
CA GLU A 196 2.28 41.80 2.95
C GLU A 196 1.40 43.03 2.93
N ASN A 197 1.43 43.79 1.83
CA ASN A 197 0.59 44.98 1.67
C ASN A 197 -0.79 44.66 1.11
N ASN A 198 -1.21 43.39 1.16
CA ASN A 198 -2.59 43.00 0.89
C ASN A 198 -3.01 43.36 -0.54
N GLU A 199 -2.14 43.04 -1.49
CA GLU A 199 -2.46 43.08 -2.92
C GLU A 199 -2.36 41.67 -3.45
N CYS A 200 -3.39 41.21 -4.16
CA CYS A 200 -3.54 39.78 -4.43
C CYS A 200 -2.38 39.27 -5.29
N CYS A 201 -1.91 38.07 -4.92
CA CYS A 201 -0.84 37.39 -5.62
C CYS A 201 -1.39 36.57 -6.79
N HIS A 202 -0.61 36.47 -7.87
CA HIS A 202 -0.93 35.70 -9.06
C HIS A 202 -1.53 34.36 -8.69
N PRO A 203 -2.57 33.91 -9.40
CA PRO A 203 -3.24 32.65 -9.00
C PRO A 203 -2.30 31.46 -8.86
N GLU A 204 -1.24 31.39 -9.66
CA GLU A 204 -0.27 30.31 -9.55
C GLU A 204 0.72 30.50 -8.40
N CYS A 205 0.64 31.61 -7.67
CA CYS A 205 1.53 31.88 -6.56
C CYS A 205 1.03 31.16 -5.31
N LEU A 206 1.82 31.25 -4.24
CA LEU A 206 1.45 30.64 -2.97
C LEU A 206 2.28 31.27 -1.86
N GLY A 207 1.61 31.67 -0.78
CA GLY A 207 2.29 32.24 0.37
C GLY A 207 2.33 33.75 0.35
N SER A 208 3.49 34.31 0.02
CA SER A 208 3.71 35.75 -0.04
C SER A 208 4.05 36.16 -1.47
N CYS A 209 4.43 37.42 -1.64
CA CYS A 209 4.90 37.91 -2.93
C CYS A 209 5.96 38.98 -2.74
N SER A 210 7.03 38.89 -3.53
CA SER A 210 7.94 40.00 -3.65
C SER A 210 7.29 41.18 -4.36
N ALA A 211 6.33 40.90 -5.24
CA ALA A 211 5.59 41.92 -5.97
C ALA A 211 4.21 41.37 -6.30
N PRO A 212 3.18 42.20 -6.29
CA PRO A 212 1.82 41.70 -6.54
C PRO A 212 1.60 41.36 -8.01
N ASP A 213 1.00 40.20 -8.25
CA ASP A 213 0.61 39.73 -9.58
C ASP A 213 1.81 39.69 -10.53
N ASN A 214 2.64 38.67 -10.31
CA ASN A 214 3.82 38.46 -11.14
C ASN A 214 4.32 37.04 -10.93
N ASP A 215 4.64 36.34 -12.02
CA ASP A 215 5.10 34.97 -11.92
C ASP A 215 6.49 34.90 -11.30
N THR A 216 7.37 35.83 -11.67
CA THR A 216 8.75 35.83 -11.20
C THR A 216 8.92 36.48 -9.83
N ALA A 217 7.83 36.84 -9.16
CA ALA A 217 7.92 37.46 -7.84
C ALA A 217 7.15 36.64 -6.81
N CYS A 218 7.45 35.35 -6.72
CA CYS A 218 6.72 34.44 -5.86
C CYS A 218 7.68 33.77 -4.88
N VAL A 219 7.27 33.73 -3.60
CA VAL A 219 8.06 33.02 -2.60
C VAL A 219 7.94 31.52 -2.78
N ALA A 220 6.80 31.05 -3.28
CA ALA A 220 6.59 29.63 -3.52
C ALA A 220 5.46 29.45 -4.52
N CYS A 221 5.67 28.58 -5.50
CA CYS A 221 4.62 28.24 -6.45
C CYS A 221 3.71 27.18 -5.86
N ARG A 222 2.44 27.22 -6.26
CA ARG A 222 1.47 26.25 -5.78
C ARG A 222 1.39 25.00 -6.65
N HIS A 223 1.71 25.12 -7.93
CA HIS A 223 1.69 23.96 -8.82
C HIS A 223 3.12 23.47 -9.09
N TYR A 224 3.82 24.12 -10.01
CA TYR A 224 5.19 23.73 -10.34
C TYR A 224 6.02 24.97 -10.64
N TYR A 225 7.32 24.76 -10.77
CA TYR A 225 8.30 25.83 -10.90
C TYR A 225 9.28 25.50 -12.03
N TYR A 226 9.61 26.51 -12.82
CA TYR A 226 10.56 26.33 -13.92
C TYR A 226 11.04 27.70 -14.39
N ALA A 227 12.36 27.91 -14.39
CA ALA A 227 12.97 29.14 -14.90
C ALA A 227 12.42 30.38 -14.20
N GLY A 228 12.18 30.26 -12.90
CA GLY A 228 11.66 31.38 -12.14
C GLY A 228 10.20 31.69 -12.37
N VAL A 229 9.45 30.79 -13.01
CA VAL A 229 8.06 31.00 -13.35
C VAL A 229 7.21 29.92 -12.68
N CYS A 230 6.05 30.33 -12.17
CA CYS A 230 5.10 29.39 -11.57
C CYS A 230 4.17 28.89 -12.66
N VAL A 231 4.55 27.80 -13.30
CA VAL A 231 3.77 27.22 -14.39
C VAL A 231 2.76 26.23 -13.81
N PRO A 232 1.57 26.10 -14.39
CA PRO A 232 0.63 25.08 -13.92
C PRO A 232 1.12 23.67 -14.20
N ALA A 233 1.52 23.43 -15.45
CA ALA A 233 2.13 22.18 -15.86
C ALA A 233 3.50 22.47 -16.45
N CYS A 234 4.36 21.45 -16.47
CA CYS A 234 5.70 21.62 -16.97
C CYS A 234 5.69 21.88 -18.48
N PRO A 235 6.61 22.69 -18.98
CA PRO A 235 6.76 22.87 -20.43
C PRO A 235 6.95 21.55 -21.14
N PRO A 236 6.74 21.50 -22.47
CA PRO A 236 6.69 20.21 -23.16
C PRO A 236 7.95 19.37 -23.03
N ASN A 237 9.13 19.99 -23.02
CA ASN A 237 10.38 19.25 -22.95
C ASN A 237 10.90 19.09 -21.52
N THR A 238 10.10 19.41 -20.52
CA THR A 238 10.47 19.23 -19.13
C THR A 238 9.49 18.28 -18.45
N TYR A 239 9.91 17.73 -17.31
CA TYR A 239 9.14 16.71 -16.61
C TYR A 239 9.08 17.03 -15.13
N ARG A 240 8.00 16.59 -14.50
CA ARG A 240 7.78 16.84 -13.08
C ARG A 240 8.79 16.04 -12.25
N PHE A 241 9.59 16.75 -11.46
CA PHE A 241 10.53 16.13 -10.54
C PHE A 241 10.12 16.47 -9.11
N GLU A 242 10.07 15.45 -8.25
CA GLU A 242 9.54 15.56 -6.89
C GLU A 242 8.10 16.05 -7.02
N GLY A 243 7.73 17.20 -6.45
CA GLY A 243 6.38 17.70 -6.61
C GLY A 243 6.30 19.21 -6.57
N TRP A 244 7.23 19.89 -7.22
CA TRP A 244 7.24 21.35 -7.18
C TRP A 244 8.05 21.98 -8.31
N ARG A 245 8.98 21.24 -8.91
CA ARG A 245 9.83 21.80 -9.94
C ARG A 245 9.88 20.88 -11.16
N CYS A 246 10.24 21.48 -12.29
CA CYS A 246 10.35 20.78 -13.57
C CYS A 246 11.80 20.73 -14.00
N VAL A 247 12.28 19.55 -14.39
CA VAL A 247 13.64 19.36 -14.86
C VAL A 247 13.60 18.79 -16.27
N ASP A 248 14.70 18.98 -16.99
CA ASP A 248 14.80 18.49 -18.36
C ASP A 248 15.17 17.01 -18.35
N ARG A 249 15.29 16.44 -19.56
CA ARG A 249 15.56 15.01 -19.67
C ARG A 249 17.00 14.66 -19.29
N ASP A 250 17.95 15.57 -19.52
CA ASP A 250 19.33 15.29 -19.18
C ASP A 250 19.59 15.29 -17.68
N PHE A 251 18.68 15.85 -16.88
CA PHE A 251 18.87 15.84 -15.43
C PHE A 251 18.59 14.46 -14.85
N CYS A 252 17.49 13.84 -15.26
CA CYS A 252 17.10 12.54 -14.74
C CYS A 252 17.94 11.40 -15.31
N ALA A 253 18.69 11.65 -16.39
CA ALA A 253 19.68 10.69 -16.86
C ALA A 253 20.95 10.72 -16.02
N ASN A 254 21.05 11.62 -15.05
CA ASN A 254 22.18 11.69 -14.14
C ASN A 254 21.80 11.34 -12.71
N ILE A 255 20.52 11.09 -12.43
CA ILE A 255 20.06 10.75 -11.09
C ILE A 255 20.23 9.25 -10.88
N LEU A 256 20.64 8.88 -9.68
CA LEU A 256 20.84 7.48 -9.32
C LEU A 256 20.14 7.19 -8.00
N SER A 257 19.35 6.12 -7.97
CA SER A 257 18.62 5.77 -6.77
C SER A 257 19.58 5.27 -5.69
N ALA A 258 19.01 4.95 -4.53
CA ALA A 258 19.82 4.43 -3.44
C ALA A 258 20.49 3.12 -3.85
N GLU A 259 21.75 2.96 -3.47
CA GLU A 259 22.54 1.81 -3.91
C GLU A 259 21.93 0.51 -3.38
N SER A 260 21.63 -0.40 -4.31
CA SER A 260 21.08 -1.71 -3.97
C SER A 260 21.71 -2.73 -4.90
N SER A 261 21.25 -3.98 -4.81
CA SER A 261 21.74 -5.02 -5.70
C SER A 261 21.31 -4.78 -7.14
N ASP A 262 20.11 -4.21 -7.35
CA ASP A 262 19.63 -3.90 -8.68
C ASP A 262 19.25 -2.42 -8.77
N SER A 263 20.17 -1.55 -8.40
CA SER A 263 19.94 -0.11 -8.45
C SER A 263 20.26 0.42 -9.84
N GLU A 264 19.39 1.26 -10.38
CA GLU A 264 19.58 1.85 -11.71
C GLU A 264 19.19 3.31 -11.64
N GLY A 265 19.19 3.96 -12.81
CA GLY A 265 18.79 5.34 -12.90
C GLY A 265 17.29 5.53 -12.81
N PHE A 266 16.86 6.78 -12.95
CA PHE A 266 15.46 7.13 -12.85
C PHE A 266 14.79 7.01 -14.22
N VAL A 267 13.45 6.95 -14.18
CA VAL A 267 12.65 6.76 -15.39
C VAL A 267 11.82 8.02 -15.64
N ILE A 268 11.51 8.25 -16.90
CA ILE A 268 10.61 9.32 -17.33
C ILE A 268 9.31 8.68 -17.77
N HIS A 269 8.21 9.06 -17.11
CA HIS A 269 6.92 8.43 -17.38
C HIS A 269 5.80 9.41 -17.09
N ASP A 270 4.85 9.50 -18.02
CA ASP A 270 3.66 10.34 -17.87
C ASP A 270 4.03 11.79 -17.58
N GLY A 271 5.14 12.24 -18.18
CA GLY A 271 5.63 13.58 -17.91
C GLY A 271 6.23 13.77 -16.54
N GLU A 272 6.45 12.69 -15.79
CA GLU A 272 7.06 12.75 -14.48
C GLU A 272 8.34 11.94 -14.47
N CYS A 273 9.31 12.41 -13.68
CA CYS A 273 10.60 11.76 -13.54
C CYS A 273 10.65 11.12 -12.16
N MET A 274 10.40 9.81 -12.10
CA MET A 274 10.30 9.07 -10.86
C MET A 274 11.44 8.06 -10.74
N GLN A 275 11.50 7.41 -9.58
CA GLN A 275 12.59 6.48 -9.29
C GLN A 275 12.49 5.22 -10.15
N GLU A 276 11.41 4.47 -9.98
CA GLU A 276 11.17 3.25 -10.74
C GLU A 276 9.89 3.39 -11.55
N CYS A 277 9.75 2.53 -12.56
CA CYS A 277 8.52 2.48 -13.31
C CYS A 277 7.38 2.06 -12.39
N PRO A 278 6.22 2.71 -12.49
CA PRO A 278 5.12 2.39 -11.56
C PRO A 278 4.60 0.97 -11.79
N SER A 279 3.69 0.57 -10.90
CA SER A 279 3.08 -0.75 -10.99
C SER A 279 2.35 -0.89 -12.32
N GLY A 280 2.58 -2.01 -13.00
CA GLY A 280 2.03 -2.22 -14.33
C GLY A 280 2.86 -1.67 -15.46
N PHE A 281 4.13 -1.32 -15.20
CA PHE A 281 5.01 -0.78 -16.22
C PHE A 281 6.40 -1.39 -16.07
N ILE A 282 7.09 -1.50 -17.20
CA ILE A 282 8.44 -2.05 -17.25
C ILE A 282 9.28 -1.16 -18.16
N ARG A 283 10.59 -1.13 -17.89
CA ARG A 283 11.48 -0.28 -18.65
C ARG A 283 11.60 -0.77 -20.09
N ASN A 284 11.37 0.14 -21.04
CA ASN A 284 11.51 -0.18 -22.45
C ASN A 284 12.98 -0.41 -22.80
N GLY A 285 13.22 -1.33 -23.72
CA GLY A 285 14.57 -1.58 -24.20
C GLY A 285 15.48 -2.08 -23.11
N SER A 286 16.72 -1.59 -23.12
CA SER A 286 17.75 -2.00 -22.17
C SER A 286 18.08 -0.80 -21.27
N GLN A 287 17.45 -0.77 -20.09
CA GLN A 287 17.68 0.27 -19.09
C GLN A 287 17.41 1.67 -19.64
N SER A 288 16.46 1.79 -20.55
CA SER A 288 16.14 3.10 -21.12
C SER A 288 15.37 3.95 -20.10
N MET A 289 15.09 5.19 -20.48
CA MET A 289 14.50 6.17 -19.59
C MET A 289 12.98 6.14 -19.58
N TYR A 290 12.35 5.29 -20.39
CA TYR A 290 10.90 5.30 -20.55
C TYR A 290 10.31 3.93 -20.24
N CYS A 291 9.09 3.94 -19.72
CA CYS A 291 8.38 2.72 -19.35
C CYS A 291 7.33 2.39 -20.39
N ILE A 292 7.13 1.09 -20.62
CA ILE A 292 6.18 0.60 -21.61
C ILE A 292 5.15 -0.27 -20.90
N PRO A 293 3.86 -0.16 -21.24
CA PRO A 293 2.86 -1.04 -20.63
C PRO A 293 3.16 -2.51 -20.89
N CYS A 294 3.20 -3.29 -19.82
CA CYS A 294 3.43 -4.72 -19.91
C CYS A 294 2.11 -5.48 -19.74
N GLU A 295 1.90 -6.47 -20.59
CA GLU A 295 0.65 -7.21 -20.60
C GLU A 295 0.53 -8.08 -19.35
N GLY A 296 -0.68 -8.14 -18.78
CA GLY A 296 -0.96 -8.95 -17.62
C GLY A 296 0.01 -8.73 -16.48
N PRO A 297 0.76 -9.78 -16.14
CA PRO A 297 1.79 -9.65 -15.10
C PRO A 297 3.07 -9.06 -15.68
N CYS A 298 3.61 -8.06 -15.00
CA CYS A 298 4.83 -7.42 -15.48
C CYS A 298 6.05 -8.15 -14.93
N PRO A 299 7.02 -8.48 -15.78
CA PRO A 299 8.16 -9.29 -15.32
C PRO A 299 9.14 -8.48 -14.47
N LYS A 300 9.52 -9.05 -13.33
CA LYS A 300 10.49 -8.45 -12.43
C LYS A 300 11.69 -9.40 -12.32
N VAL A 301 12.77 -9.09 -13.04
CA VAL A 301 13.99 -9.87 -12.95
C VAL A 301 14.72 -9.48 -11.67
N CYS A 302 15.08 -10.48 -10.86
CA CYS A 302 15.69 -10.27 -9.56
C CYS A 302 17.18 -10.58 -9.63
N GLU A 303 18.00 -9.62 -9.20
CA GLU A 303 19.45 -9.71 -9.24
C GLU A 303 19.99 -9.57 -7.83
N GLU A 304 20.89 -10.47 -7.45
CA GLU A 304 21.43 -10.50 -6.10
C GLU A 304 22.95 -10.58 -6.14
N GLU A 305 23.58 -10.04 -5.09
CA GLU A 305 25.03 -10.08 -4.99
C GLU A 305 25.53 -11.49 -4.74
N LYS A 306 24.89 -12.22 -3.83
CA LYS A 306 25.27 -13.59 -3.53
C LYS A 306 24.99 -14.48 -4.74
N LYS A 307 26.03 -15.11 -5.27
CA LYS A 307 25.89 -15.89 -6.49
C LYS A 307 24.97 -17.09 -6.29
N THR A 308 24.96 -17.67 -5.09
CA THR A 308 24.14 -18.83 -4.78
C THR A 308 23.19 -18.46 -3.65
N LYS A 309 21.95 -18.12 -4.00
CA LYS A 309 20.94 -17.79 -2.99
C LYS A 309 20.53 -19.04 -2.25
N THR A 310 20.63 -19.00 -0.92
CA THR A 310 20.29 -20.14 -0.07
C THR A 310 18.94 -19.88 0.58
N ILE A 311 17.98 -20.76 0.29
CA ILE A 311 16.63 -20.66 0.86
C ILE A 311 16.60 -21.68 2.01
N ASP A 312 16.99 -21.23 3.19
CA ASP A 312 17.03 -22.09 4.36
C ASP A 312 15.99 -21.72 5.41
N SER A 313 15.17 -20.71 5.16
CA SER A 313 14.15 -20.28 6.12
C SER A 313 12.96 -19.73 5.34
N VAL A 314 12.04 -19.10 6.06
CA VAL A 314 10.88 -18.48 5.42
C VAL A 314 11.14 -17.04 5.04
N THR A 315 12.04 -16.35 5.75
CA THR A 315 12.37 -14.98 5.41
C THR A 315 13.24 -14.91 4.15
N SER A 316 14.12 -15.90 3.96
CA SER A 316 14.96 -15.91 2.77
C SER A 316 14.15 -16.03 1.49
N ALA A 317 13.03 -16.76 1.53
CA ALA A 317 12.18 -16.87 0.36
C ALA A 317 11.43 -15.58 0.06
N GLN A 318 11.21 -14.73 1.07
CA GLN A 318 10.47 -13.49 0.86
C GLN A 318 11.20 -12.55 -0.08
N MET A 319 12.54 -12.65 -0.16
CA MET A 319 13.29 -11.80 -1.07
C MET A 319 13.05 -12.16 -2.54
N LEU A 320 12.60 -13.37 -2.82
CA LEU A 320 12.29 -13.81 -4.18
C LEU A 320 10.82 -13.64 -4.53
N GLN A 321 10.12 -12.73 -3.86
CA GLN A 321 8.69 -12.56 -4.07
C GLN A 321 8.43 -11.80 -5.36
N GLY A 322 7.65 -12.39 -6.26
CA GLY A 322 7.28 -11.74 -7.51
C GLY A 322 8.32 -11.79 -8.59
N CYS A 323 9.44 -12.47 -8.39
CA CYS A 323 10.48 -12.56 -9.41
C CYS A 323 10.01 -13.44 -10.56
N THR A 324 10.39 -13.06 -11.78
CA THR A 324 10.10 -13.87 -12.96
C THR A 324 11.32 -14.61 -13.48
N ILE A 325 12.51 -14.03 -13.35
CA ILE A 325 13.76 -14.64 -13.78
C ILE A 325 14.78 -14.40 -12.67
N PHE A 326 15.63 -15.40 -12.43
CA PHE A 326 16.62 -15.33 -11.36
C PHE A 326 18.01 -15.39 -11.98
N LYS A 327 18.74 -14.27 -11.90
CA LYS A 327 20.14 -14.21 -12.34
C LYS A 327 21.02 -14.71 -11.20
N GLY A 328 21.09 -16.03 -11.07
CA GLY A 328 21.90 -16.63 -10.03
C GLY A 328 21.59 -18.11 -9.90
N ASN A 329 21.89 -18.64 -8.71
CA ASN A 329 21.72 -20.05 -8.41
C ASN A 329 20.80 -20.20 -7.20
N LEU A 330 19.96 -21.23 -7.23
CA LEU A 330 18.99 -21.49 -6.18
C LEU A 330 19.44 -22.68 -5.35
N LEU A 331 19.51 -22.49 -4.04
CA LEU A 331 19.88 -23.54 -3.09
C LEU A 331 18.76 -23.68 -2.07
N ILE A 332 17.97 -24.75 -2.20
CA ILE A 332 16.84 -24.99 -1.30
C ILE A 332 17.30 -25.91 -0.17
N ASN A 333 17.01 -25.51 1.07
CA ASN A 333 17.47 -26.25 2.25
C ASN A 333 16.46 -25.99 3.37
N ILE A 334 15.34 -26.70 3.30
CA ILE A 334 14.18 -26.44 4.16
C ILE A 334 13.96 -27.66 5.04
N ARG A 335 14.46 -27.62 6.27
CA ARG A 335 14.26 -28.72 7.20
C ARG A 335 12.94 -28.61 7.94
N ARG A 336 12.55 -27.40 8.32
CA ARG A 336 11.34 -27.16 9.09
C ARG A 336 10.39 -26.27 8.31
N GLY A 337 9.12 -26.29 8.70
CA GLY A 337 8.10 -25.49 8.05
C GLY A 337 6.81 -26.28 7.84
N ASN A 338 5.69 -25.69 8.25
CA ASN A 338 4.41 -26.39 8.13
C ASN A 338 3.68 -25.97 6.85
N ASN A 339 3.22 -24.72 6.79
CA ASN A 339 2.52 -24.21 5.62
C ASN A 339 3.46 -23.62 4.58
N ILE A 340 4.73 -24.04 4.56
CA ILE A 340 5.68 -23.51 3.59
C ILE A 340 5.38 -24.01 2.19
N ALA A 341 4.72 -25.16 2.05
CA ALA A 341 4.40 -25.69 0.73
C ALA A 341 3.52 -24.71 -0.04
N SER A 342 2.62 -24.01 0.64
CA SER A 342 1.80 -22.99 0.03
C SER A 342 2.38 -21.59 0.21
N GLU A 343 3.31 -21.40 1.14
CA GLU A 343 3.92 -20.09 1.33
C GLU A 343 5.04 -19.84 0.33
N LEU A 344 5.85 -20.86 0.04
CA LEU A 344 6.87 -20.73 -0.99
C LEU A 344 6.25 -20.47 -2.36
N GLU A 345 5.08 -21.06 -2.62
CA GLU A 345 4.38 -20.83 -3.88
C GLU A 345 3.93 -19.37 -4.02
N ASN A 346 3.82 -18.64 -2.92
CA ASN A 346 3.52 -17.22 -3.01
C ASN A 346 4.72 -16.42 -3.50
N PHE A 347 5.92 -16.75 -3.01
CA PHE A 347 7.11 -16.02 -3.42
C PHE A 347 7.67 -16.55 -4.72
N MET A 348 7.91 -17.86 -4.80
CA MET A 348 8.59 -18.46 -5.94
C MET A 348 7.64 -18.96 -7.01
N GLY A 349 6.32 -18.86 -6.81
CA GLY A 349 5.37 -19.36 -7.78
C GLY A 349 5.44 -18.68 -9.12
N LEU A 350 6.06 -17.50 -9.20
CA LEU A 350 6.16 -16.76 -10.44
C LEU A 350 7.56 -16.84 -11.07
N ILE A 351 8.52 -17.45 -10.40
CA ILE A 351 9.85 -17.63 -10.99
C ILE A 351 9.72 -18.59 -12.16
N GLU A 352 10.18 -18.15 -13.33
CA GLU A 352 10.07 -18.92 -14.57
C GLU A 352 11.39 -19.42 -15.10
N VAL A 353 12.47 -18.63 -14.98
CA VAL A 353 13.77 -18.98 -15.53
C VAL A 353 14.83 -18.84 -14.45
N VAL A 354 15.74 -19.81 -14.40
CA VAL A 354 16.91 -19.78 -13.52
C VAL A 354 18.15 -19.84 -14.39
N THR A 355 19.00 -18.83 -14.28
CA THR A 355 20.19 -18.77 -15.12
C THR A 355 21.25 -19.78 -14.71
N GLY A 356 21.23 -20.26 -13.47
CA GLY A 356 22.23 -21.19 -13.00
C GLY A 356 21.68 -22.57 -12.71
N TYR A 357 22.07 -23.13 -11.56
CA TYR A 357 21.65 -24.47 -11.16
C TYR A 357 20.72 -24.39 -9.96
N VAL A 358 20.06 -25.51 -9.68
CA VAL A 358 19.12 -25.63 -8.58
C VAL A 358 19.52 -26.84 -7.74
N LYS A 359 19.75 -26.62 -6.45
CA LYS A 359 20.16 -27.69 -5.53
C LYS A 359 19.13 -27.81 -4.42
N ILE A 360 18.50 -28.99 -4.33
CA ILE A 360 17.51 -29.27 -3.29
C ILE A 360 18.21 -30.18 -2.28
N ARG A 361 18.79 -29.58 -1.25
CA ARG A 361 19.60 -30.29 -0.26
C ARG A 361 18.94 -30.21 1.10
N HIS A 362 18.84 -31.35 1.78
CA HIS A 362 18.36 -31.45 3.16
C HIS A 362 16.96 -30.87 3.33
N SER A 363 16.17 -30.79 2.26
CA SER A 363 14.83 -30.22 2.31
C SER A 363 13.85 -31.32 2.74
N HIS A 364 13.84 -31.59 4.05
CA HIS A 364 12.97 -32.64 4.57
C HIS A 364 11.51 -32.22 4.61
N ALA A 365 11.25 -30.92 4.73
CA ALA A 365 9.87 -30.43 4.76
C ALA A 365 9.18 -30.55 3.41
N LEU A 366 9.95 -30.57 2.32
CA LEU A 366 9.36 -30.63 0.99
C LEU A 366 8.99 -32.06 0.64
N VAL A 367 7.69 -32.31 0.46
CA VAL A 367 7.24 -33.57 -0.13
C VAL A 367 7.12 -33.46 -1.64
N SER A 368 7.07 -32.24 -2.19
CA SER A 368 7.02 -32.01 -3.62
C SER A 368 7.67 -30.67 -3.91
N LEU A 369 7.89 -30.40 -5.20
CA LEU A 369 8.43 -29.14 -5.65
C LEU A 369 7.40 -28.30 -6.39
N SER A 370 6.10 -28.58 -6.18
CA SER A 370 5.05 -27.91 -6.92
C SER A 370 5.01 -26.40 -6.65
N PHE A 371 5.62 -25.95 -5.55
CA PHE A 371 5.65 -24.51 -5.27
C PHE A 371 6.45 -23.73 -6.31
N LEU A 372 7.31 -24.41 -7.07
CA LEU A 372 8.08 -23.77 -8.13
C LEU A 372 7.32 -23.80 -9.45
N LYS A 373 6.11 -23.25 -9.41
CA LYS A 373 5.28 -23.19 -10.62
C LYS A 373 5.90 -22.21 -11.62
N ASN A 374 5.48 -22.38 -12.88
CA ASN A 374 5.88 -21.51 -14.00
C ASN A 374 7.36 -21.64 -14.34
N LEU A 375 8.14 -22.31 -13.49
CA LEU A 375 9.55 -22.54 -13.76
C LEU A 375 9.67 -23.51 -14.93
N ARG A 376 9.98 -23.00 -16.10
CA ARG A 376 10.05 -23.81 -17.31
C ARG A 376 11.43 -23.83 -17.96
N LEU A 377 12.40 -23.08 -17.43
CA LEU A 377 13.71 -22.99 -18.04
C LEU A 377 14.79 -22.97 -16.97
N ILE A 378 15.75 -23.89 -17.09
CA ILE A 378 16.97 -23.89 -16.28
C ILE A 378 18.14 -23.98 -17.24
N LEU A 379 19.07 -23.03 -17.14
CA LEU A 379 20.15 -22.94 -18.11
C LEU A 379 21.35 -23.79 -17.70
N GLY A 380 22.34 -23.15 -17.09
CA GLY A 380 23.57 -23.83 -16.72
C GLY A 380 24.77 -22.94 -16.88
N GLU A 381 24.58 -21.63 -16.66
CA GLU A 381 25.69 -20.69 -16.72
C GLU A 381 26.79 -21.08 -15.75
N GLU A 382 26.42 -21.49 -14.54
CA GLU A 382 27.34 -22.11 -13.59
C GLU A 382 26.72 -23.41 -13.11
N GLN A 383 27.56 -24.44 -12.99
CA GLN A 383 27.10 -25.76 -12.61
C GLN A 383 27.95 -26.29 -11.47
N LEU A 384 27.33 -27.12 -10.63
CA LEU A 384 28.03 -27.73 -9.52
C LEU A 384 29.17 -28.62 -10.02
N GLU A 385 30.14 -28.88 -9.13
CA GLU A 385 31.32 -29.65 -9.49
C GLU A 385 30.94 -30.99 -10.11
N GLY A 386 31.42 -31.22 -11.33
CA GLY A 386 31.00 -32.35 -12.12
C GLY A 386 29.98 -32.03 -13.20
N ASN A 387 29.75 -30.75 -13.48
CA ASN A 387 28.77 -30.29 -14.48
C ASN A 387 27.37 -30.82 -14.16
N TYR A 388 26.81 -30.25 -13.09
CA TYR A 388 25.47 -30.59 -12.63
C TYR A 388 24.64 -29.32 -12.56
N SER A 389 23.47 -29.34 -13.19
CA SER A 389 22.54 -28.22 -13.13
C SER A 389 21.33 -28.48 -12.24
N PHE A 390 21.07 -29.74 -11.89
CA PHE A 390 19.98 -30.10 -10.98
C PHE A 390 20.53 -31.14 -10.01
N TYR A 391 20.54 -30.81 -8.73
CA TYR A 391 21.26 -31.61 -7.73
C TYR A 391 20.43 -31.68 -6.46
N VAL A 392 19.75 -32.81 -6.26
CA VAL A 392 18.99 -33.03 -5.04
C VAL A 392 19.74 -34.05 -4.18
N LEU A 393 19.60 -33.92 -2.87
CA LEU A 393 20.37 -34.75 -1.95
C LEU A 393 19.72 -34.73 -0.56
N ASP A 394 19.49 -35.91 -0.01
CA ASP A 394 19.04 -36.09 1.38
C ASP A 394 17.71 -35.37 1.63
N ASN A 395 16.67 -35.85 0.95
CA ASN A 395 15.31 -35.34 1.13
C ASN A 395 14.45 -36.52 1.59
N GLN A 396 14.36 -36.69 2.91
CA GLN A 396 13.74 -37.88 3.49
C GLN A 396 12.23 -37.95 3.29
N ASN A 397 11.61 -36.93 2.70
CA ASN A 397 10.16 -36.94 2.51
C ASN A 397 9.74 -36.53 1.11
N LEU A 398 10.68 -36.35 0.19
CA LEU A 398 10.36 -35.92 -1.17
C LEU A 398 9.66 -37.07 -1.89
N GLN A 399 8.33 -37.03 -1.92
CA GLN A 399 7.56 -38.08 -2.56
C GLN A 399 7.59 -37.95 -4.08
N GLN A 400 7.39 -36.74 -4.58
CA GLN A 400 7.36 -36.48 -6.01
C GLN A 400 8.08 -35.17 -6.30
N LEU A 401 8.44 -34.98 -7.57
CA LEU A 401 8.95 -33.70 -8.02
C LEU A 401 7.76 -32.83 -8.43
N TRP A 402 8.06 -31.63 -8.92
CA TRP A 402 7.07 -30.82 -9.61
C TRP A 402 6.82 -31.31 -11.02
N ASP A 403 7.31 -32.50 -11.35
CA ASP A 403 7.23 -33.04 -12.72
C ASP A 403 5.93 -33.79 -12.91
N TRP A 404 4.84 -33.02 -12.94
CA TRP A 404 3.59 -33.52 -13.49
C TRP A 404 3.70 -33.52 -15.01
N ASP A 405 2.97 -34.43 -15.65
CA ASP A 405 3.01 -34.50 -17.11
C ASP A 405 2.42 -33.26 -17.77
N HIS A 406 1.82 -32.35 -17.00
CA HIS A 406 1.33 -31.09 -17.54
C HIS A 406 2.43 -30.04 -17.61
N ARG A 407 3.42 -30.12 -16.73
CA ARG A 407 4.42 -29.08 -16.62
C ARG A 407 5.42 -29.13 -17.77
N ASN A 408 6.15 -28.04 -17.96
CA ASN A 408 7.18 -27.92 -18.96
C ASN A 408 8.51 -27.57 -18.29
N LEU A 409 9.60 -28.08 -18.86
CA LEU A 409 10.92 -27.88 -18.29
C LEU A 409 11.96 -28.09 -19.39
N THR A 410 13.05 -27.35 -19.30
CA THR A 410 14.17 -27.50 -20.23
C THR A 410 15.45 -27.12 -19.51
N ILE A 411 16.33 -28.09 -19.30
CA ILE A 411 17.66 -27.86 -18.77
C ILE A 411 18.60 -27.75 -19.96
N LYS A 412 19.15 -26.55 -20.18
CA LYS A 412 20.00 -26.31 -21.34
C LYS A 412 21.30 -27.11 -21.25
N ALA A 413 22.05 -26.94 -20.17
CA ALA A 413 23.30 -27.63 -19.99
C ALA A 413 23.43 -28.12 -18.55
N GLY A 414 24.12 -29.24 -18.38
CA GLY A 414 24.34 -29.83 -17.08
C GLY A 414 23.72 -31.21 -16.96
N LYS A 415 24.05 -31.87 -15.86
CA LYS A 415 23.54 -33.18 -15.52
C LYS A 415 22.66 -33.11 -14.28
N MET A 416 22.10 -34.26 -13.91
CA MET A 416 21.20 -34.36 -12.76
C MET A 416 21.67 -35.47 -11.84
N TYR A 417 21.83 -35.16 -10.56
CA TYR A 417 22.29 -36.12 -9.56
C TYR A 417 21.22 -36.30 -8.51
N PHE A 418 20.91 -37.57 -8.20
CA PHE A 418 19.88 -37.92 -7.24
C PHE A 418 20.45 -38.94 -6.27
N ALA A 419 20.36 -38.65 -4.96
CA ALA A 419 20.90 -39.55 -3.97
C ALA A 419 20.22 -39.33 -2.63
N PHE A 420 20.02 -40.43 -1.90
CA PHE A 420 19.48 -40.40 -0.53
C PHE A 420 18.11 -39.74 -0.46
N ASN A 421 17.30 -39.93 -1.50
CA ASN A 421 15.90 -39.51 -1.50
C ASN A 421 15.04 -40.77 -1.46
N PRO A 422 14.59 -41.21 -0.28
CA PRO A 422 13.97 -42.54 -0.18
C PRO A 422 12.51 -42.58 -0.62
N LYS A 423 11.76 -41.52 -0.36
CA LYS A 423 10.35 -41.49 -0.71
C LYS A 423 10.09 -41.09 -2.16
N LEU A 424 11.14 -40.86 -2.95
CA LEU A 424 10.99 -40.47 -4.34
C LEU A 424 11.09 -41.71 -5.22
N CYS A 425 10.03 -41.99 -5.99
CA CYS A 425 10.03 -43.13 -6.88
C CYS A 425 11.03 -42.92 -8.01
N VAL A 426 11.90 -43.91 -8.22
CA VAL A 426 12.96 -43.81 -9.21
C VAL A 426 12.40 -43.63 -10.62
N SER A 427 11.16 -44.04 -10.86
CA SER A 427 10.54 -43.83 -12.16
C SER A 427 10.26 -42.36 -12.43
N GLU A 428 9.98 -41.59 -11.37
CA GLU A 428 9.61 -40.19 -11.54
C GLU A 428 10.75 -39.38 -12.12
N ILE A 429 12.00 -39.73 -11.80
CA ILE A 429 13.14 -38.97 -12.30
C ILE A 429 13.55 -39.43 -13.69
N TYR A 430 13.13 -40.61 -14.12
CA TYR A 430 13.30 -41.00 -15.52
C TYR A 430 12.32 -40.23 -16.41
N ARG A 431 11.12 -39.97 -15.90
CA ARG A 431 10.17 -39.16 -16.64
C ARG A 431 10.58 -37.69 -16.68
N MET A 432 11.45 -37.26 -15.75
CA MET A 432 11.91 -35.89 -15.75
C MET A 432 12.81 -35.61 -16.95
N GLU A 433 13.83 -36.45 -17.16
CA GLU A 433 14.76 -36.24 -18.26
C GLU A 433 14.10 -36.40 -19.63
N GLU A 434 12.86 -36.86 -19.68
CA GLU A 434 12.10 -36.80 -20.93
C GLU A 434 11.83 -35.36 -21.33
N VAL A 435 11.13 -34.62 -20.47
CA VAL A 435 10.88 -33.20 -20.72
C VAL A 435 12.17 -32.40 -20.56
N THR A 436 13.00 -32.78 -19.59
CA THR A 436 14.27 -32.10 -19.38
C THR A 436 15.17 -32.21 -20.61
N GLY A 437 15.14 -33.35 -21.29
CA GLY A 437 15.93 -33.54 -22.48
C GLY A 437 17.36 -33.95 -22.21
N THR A 438 17.62 -34.64 -21.10
CA THR A 438 18.96 -35.08 -20.73
C THR A 438 19.04 -36.61 -20.66
N LYS A 439 18.29 -37.30 -21.51
CA LYS A 439 18.31 -38.76 -21.52
C LYS A 439 19.68 -39.25 -21.97
N GLY A 440 20.34 -40.01 -21.11
CA GLY A 440 21.67 -40.53 -21.38
C GLY A 440 22.81 -39.57 -21.08
N ARG A 441 22.52 -38.33 -20.68
CA ARG A 441 23.57 -37.37 -20.39
C ARG A 441 24.20 -37.58 -19.03
N GLN A 442 23.49 -38.21 -18.09
CA GLN A 442 24.03 -38.45 -16.76
C GLN A 442 24.87 -39.72 -16.74
N SER A 443 25.53 -39.94 -15.60
CA SER A 443 26.38 -41.11 -15.42
C SER A 443 25.58 -42.27 -14.85
N LYS A 444 26.28 -43.37 -14.55
CA LYS A 444 25.63 -44.55 -13.98
C LYS A 444 25.39 -44.41 -12.49
N GLY A 445 26.11 -43.52 -11.81
CA GLY A 445 25.94 -43.34 -10.38
C GLY A 445 25.13 -42.10 -10.03
N ASP A 446 24.84 -41.27 -11.04
CA ASP A 446 24.04 -40.08 -10.79
C ASP A 446 22.62 -40.46 -10.38
N ILE A 447 22.06 -41.50 -10.99
CA ILE A 447 20.74 -42.01 -10.65
C ILE A 447 20.92 -43.49 -10.32
N ASN A 448 20.74 -43.84 -9.05
CA ASN A 448 20.90 -45.21 -8.59
C ASN A 448 19.65 -45.65 -7.84
N THR A 449 19.25 -46.90 -8.06
CA THR A 449 18.11 -47.45 -7.33
C THR A 449 18.44 -47.66 -5.86
N ARG A 450 19.72 -47.73 -5.51
CA ARG A 450 20.12 -47.79 -4.11
C ARG A 450 19.93 -46.43 -3.45
N ASN A 451 19.59 -46.47 -2.16
CA ASN A 451 19.27 -45.31 -1.31
C ASN A 451 18.30 -44.32 -1.96
N ASN A 452 17.72 -44.66 -3.10
CA ASN A 452 16.72 -43.84 -3.77
C ASN A 452 15.52 -44.70 -4.09
N GLY A 453 14.34 -44.27 -3.64
CA GLY A 453 13.16 -45.09 -3.81
C GLY A 453 13.16 -46.33 -2.93
N GLU A 454 13.93 -46.33 -1.85
CA GLU A 454 13.99 -47.49 -0.97
C GLU A 454 12.65 -47.71 -0.27
N ARG A 455 12.02 -46.64 0.20
CA ARG A 455 10.71 -46.72 0.84
CA ARG A 455 10.72 -46.71 0.84
C ARG A 455 9.60 -46.22 -0.07
N ALA A 456 9.87 -45.99 -1.34
CA ALA A 456 8.87 -45.44 -2.24
C ALA A 456 7.81 -46.47 -2.58
N SER A 457 6.55 -46.06 -2.52
CA SER A 457 5.41 -46.87 -2.93
C SER A 457 4.82 -46.22 -4.18
N CYS A 458 5.28 -46.68 -5.34
CA CYS A 458 4.92 -46.05 -6.61
C CYS A 458 3.51 -46.42 -7.02
N GLU A 459 3.35 -47.53 -7.74
CA GLU A 459 2.03 -47.95 -8.18
C GLU A 459 1.22 -48.44 -6.98
N SER A 460 0.02 -47.87 -6.81
CA SER A 460 -0.85 -48.21 -5.69
C SER A 460 -2.19 -48.72 -6.21
N ASP A 461 -2.95 -49.33 -5.31
CA ASP A 461 -4.27 -49.85 -5.64
C ASP A 461 -5.33 -48.77 -5.43
N VAL A 462 -6.59 -49.14 -5.55
CA VAL A 462 -7.71 -48.21 -5.44
C VAL A 462 -8.67 -48.72 -4.39
N LEU A 463 -8.94 -47.90 -3.37
CA LEU A 463 -9.95 -48.21 -2.36
C LEU A 463 -11.28 -47.61 -2.80
N HIS A 464 -12.33 -48.44 -2.80
CA HIS A 464 -13.64 -48.04 -3.30
C HIS A 464 -14.60 -47.90 -2.12
N PHE A 465 -15.23 -46.74 -2.01
CA PHE A 465 -16.27 -46.52 -1.02
C PHE A 465 -17.52 -47.29 -1.40
N THR A 466 -18.28 -47.71 -0.39
CA THR A 466 -19.43 -48.57 -0.60
C THR A 466 -20.76 -47.93 -0.20
N SER A 467 -20.80 -47.20 0.93
CA SER A 467 -22.04 -46.59 1.37
C SER A 467 -21.71 -45.42 2.28
N THR A 468 -22.52 -44.35 2.17
CA THR A 468 -22.41 -43.19 3.04
C THR A 468 -23.79 -42.85 3.58
N THR A 469 -23.84 -42.49 4.86
CA THR A 469 -25.07 -42.07 5.52
C THR A 469 -24.79 -40.78 6.29
N THR A 470 -25.70 -39.81 6.17
CA THR A 470 -25.47 -38.48 6.69
C THR A 470 -26.52 -38.12 7.74
N SER A 471 -26.08 -37.36 8.74
CA SER A 471 -26.98 -36.69 9.67
C SER A 471 -26.69 -35.20 9.64
N LYS A 472 -27.10 -34.47 10.68
CA LYS A 472 -26.73 -33.07 10.79
C LYS A 472 -25.38 -32.86 11.43
N ASN A 473 -24.76 -33.92 11.97
CA ASN A 473 -23.47 -33.78 12.62
C ASN A 473 -22.65 -35.06 12.55
N ARG A 474 -23.27 -36.15 12.10
CA ARG A 474 -22.60 -37.44 12.00
C ARG A 474 -22.63 -37.94 10.56
N ILE A 475 -21.56 -38.64 10.16
CA ILE A 475 -21.47 -39.27 8.84
C ILE A 475 -20.89 -40.66 9.02
N ILE A 476 -21.59 -41.67 8.49
CA ILE A 476 -21.11 -43.04 8.44
C ILE A 476 -20.71 -43.35 7.01
N ILE A 477 -19.49 -43.85 6.84
CA ILE A 477 -18.98 -44.19 5.51
C ILE A 477 -18.25 -45.53 5.61
N THR A 478 -18.48 -46.40 4.64
CA THR A 478 -17.88 -47.73 4.60
C THR A 478 -17.27 -47.97 3.22
N TRP A 479 -16.09 -48.56 3.19
CA TRP A 479 -15.40 -48.92 1.97
C TRP A 479 -15.22 -50.43 1.88
N HIS A 480 -14.77 -50.88 0.71
CA HIS A 480 -14.65 -52.30 0.46
C HIS A 480 -13.46 -52.89 1.21
N ARG A 481 -13.58 -54.16 1.59
CA ARG A 481 -12.47 -54.86 2.21
C ARG A 481 -11.30 -54.96 1.23
N TYR A 482 -10.09 -54.85 1.76
CA TYR A 482 -8.88 -54.80 0.94
C TYR A 482 -7.94 -55.91 1.37
N ARG A 483 -7.77 -56.91 0.50
CA ARG A 483 -6.74 -57.92 0.71
C ARG A 483 -5.40 -57.37 0.22
N PRO A 484 -4.38 -57.34 1.06
CA PRO A 484 -3.08 -56.78 0.64
C PRO A 484 -2.48 -57.60 -0.49
N PRO A 485 -1.53 -57.03 -1.25
CA PRO A 485 -0.93 -57.81 -2.35
C PRO A 485 -0.25 -59.08 -1.88
N ASP A 486 0.39 -59.05 -0.72
CA ASP A 486 1.03 -60.23 -0.15
C ASP A 486 0.14 -60.81 0.94
N TYR A 487 0.12 -62.14 1.03
CA TYR A 487 -0.73 -62.81 2.02
C TYR A 487 -0.32 -62.50 3.44
N ARG A 488 0.96 -62.19 3.66
CA ARG A 488 1.51 -62.05 5.01
C ARG A 488 1.51 -60.63 5.53
N ASP A 489 0.98 -59.68 4.77
CA ASP A 489 0.97 -58.28 5.19
C ASP A 489 -0.12 -58.05 6.25
N LEU A 490 0.20 -57.24 7.25
CA LEU A 490 -0.79 -56.76 8.21
C LEU A 490 -1.41 -55.50 7.65
N ILE A 491 -2.74 -55.43 7.68
CA ILE A 491 -3.49 -54.38 7.01
C ILE A 491 -4.25 -53.56 8.04
N SER A 492 -4.18 -52.24 7.92
CA SER A 492 -4.98 -51.32 8.72
C SER A 492 -5.32 -50.12 7.85
N PHE A 493 -6.31 -49.35 8.27
CA PHE A 493 -6.79 -48.22 7.50
C PHE A 493 -6.60 -46.91 8.26
N THR A 494 -6.67 -45.82 7.52
CA THR A 494 -6.54 -44.47 8.09
C THR A 494 -7.48 -43.55 7.32
N VAL A 495 -8.45 -42.97 8.03
CA VAL A 495 -9.46 -42.12 7.41
C VAL A 495 -9.01 -40.67 7.53
N TYR A 496 -8.90 -39.99 6.39
CA TYR A 496 -8.60 -38.57 6.34
C TYR A 496 -9.87 -37.82 6.00
N TYR A 497 -10.27 -36.89 6.89
CA TYR A 497 -11.44 -36.07 6.64
C TYR A 497 -11.17 -34.66 7.15
N LYS A 498 -11.54 -33.67 6.35
CA LYS A 498 -11.41 -32.29 6.77
C LYS A 498 -12.49 -31.45 6.13
N GLU A 499 -12.84 -30.35 6.79
CA GLU A 499 -13.80 -29.40 6.26
C GLU A 499 -13.28 -28.76 4.99
N ALA A 500 -13.99 -28.99 3.88
CA ALA A 500 -13.60 -28.40 2.60
C ALA A 500 -14.79 -27.67 2.02
N PRO A 501 -14.79 -26.33 2.04
CA PRO A 501 -15.95 -25.60 1.49
C PRO A 501 -16.13 -25.86 0.01
N PHE A 502 -15.04 -26.00 -0.74
CA PHE A 502 -15.13 -26.45 -2.12
C PHE A 502 -14.07 -27.49 -2.41
N LYS A 503 -14.18 -28.08 -3.60
CA LYS A 503 -13.66 -29.42 -3.84
C LYS A 503 -12.17 -29.43 -4.20
N ASN A 504 -11.64 -28.33 -4.73
CA ASN A 504 -10.23 -28.30 -5.06
C ASN A 504 -9.41 -28.48 -3.78
N VAL A 505 -9.01 -29.72 -3.51
CA VAL A 505 -8.34 -30.10 -2.28
C VAL A 505 -7.03 -30.78 -2.61
N THR A 506 -5.98 -30.44 -1.85
CA THR A 506 -4.70 -31.12 -1.95
C THR A 506 -4.60 -32.19 -0.87
N GLU A 507 -3.96 -33.30 -1.20
CA GLU A 507 -3.82 -34.38 -0.23
C GLU A 507 -2.89 -33.96 0.90
N TYR A 508 -2.87 -34.77 1.96
CA TYR A 508 -2.10 -34.49 3.16
C TYR A 508 -0.61 -34.32 2.83
N ASN A 517 -0.91 -29.49 6.75
CA ASN A 517 -2.29 -29.78 6.34
C ASN A 517 -3.19 -30.01 7.55
N SER A 518 -4.29 -29.25 7.63
CA SER A 518 -5.20 -29.35 8.75
C SER A 518 -6.19 -30.49 8.55
N TRP A 519 -5.69 -31.68 8.25
CA TRP A 519 -6.53 -32.86 8.08
C TRP A 519 -6.76 -33.54 9.42
N ASN A 520 -7.99 -34.00 9.63
CA ASN A 520 -8.32 -34.81 10.81
C ASN A 520 -8.19 -36.28 10.43
N MET A 521 -7.48 -37.03 11.26
CA MET A 521 -7.15 -38.43 10.96
C MET A 521 -7.61 -39.32 12.10
N VAL A 522 -8.11 -40.50 11.73
CA VAL A 522 -8.50 -41.53 12.69
C VAL A 522 -8.18 -42.88 12.08
N ASP A 523 -7.69 -43.81 12.91
CA ASP A 523 -7.30 -45.13 12.46
C ASP A 523 -8.37 -46.14 12.86
N VAL A 524 -8.97 -46.79 11.88
CA VAL A 524 -9.94 -47.86 12.10
C VAL A 524 -9.34 -49.15 11.55
N ASP A 525 -9.52 -50.24 12.28
CA ASP A 525 -8.96 -51.52 11.91
C ASP A 525 -9.91 -52.30 11.00
N LEU A 526 -9.34 -53.24 10.27
CA LEU A 526 -10.16 -54.17 9.49
C LEU A 526 -10.95 -55.06 10.45
N PRO A 527 -12.27 -55.16 10.29
CA PRO A 527 -13.06 -55.93 11.25
C PRO A 527 -12.71 -57.41 11.19
N PRO A 528 -12.84 -58.13 12.31
CA PRO A 528 -12.49 -59.55 12.32
C PRO A 528 -13.40 -60.39 11.44
N ASN A 529 -14.71 -60.17 11.54
CA ASN A 529 -15.66 -60.89 10.71
C ASN A 529 -15.51 -60.45 9.26
N LYS A 530 -15.34 -61.43 8.37
CA LYS A 530 -15.07 -61.14 6.96
C LYS A 530 -16.31 -60.69 6.20
N ASP A 531 -17.51 -60.88 6.76
CA ASP A 531 -18.72 -60.47 6.06
C ASP A 531 -19.05 -58.99 6.26
N VAL A 532 -18.51 -58.36 7.29
CA VAL A 532 -18.74 -56.94 7.54
C VAL A 532 -17.58 -56.15 6.97
N GLU A 533 -17.89 -55.00 6.36
CA GLU A 533 -16.84 -54.23 5.70
C GLU A 533 -16.37 -53.09 6.60
N PRO A 534 -15.11 -52.67 6.47
CA PRO A 534 -14.59 -51.63 7.36
C PRO A 534 -15.25 -50.28 7.10
N GLY A 535 -15.65 -49.62 8.18
CA GLY A 535 -16.25 -48.31 8.11
C GLY A 535 -15.78 -47.44 9.26
N ILE A 536 -16.36 -46.24 9.33
CA ILE A 536 -16.02 -45.29 10.38
C ILE A 536 -17.20 -44.35 10.58
N LEU A 537 -17.41 -43.93 11.83
CA LEU A 537 -18.44 -42.98 12.20
C LEU A 537 -17.79 -41.68 12.64
N LEU A 538 -18.19 -40.58 12.01
CA LEU A 538 -17.65 -39.26 12.36
C LEU A 538 -18.56 -38.61 13.41
N HIS A 539 -17.92 -37.99 14.41
CA HIS A 539 -18.61 -37.55 15.61
C HIS A 539 -19.41 -36.28 15.44
N GLY A 540 -18.78 -35.12 15.69
CA GLY A 540 -19.50 -33.86 15.70
C GLY A 540 -19.15 -32.92 14.58
N LEU A 541 -20.02 -32.83 13.58
CA LEU A 541 -19.78 -32.04 12.38
C LEU A 541 -20.80 -30.91 12.29
N LYS A 542 -20.43 -29.87 11.55
CA LYS A 542 -21.32 -28.72 11.39
C LYS A 542 -22.45 -29.07 10.42
N PRO A 543 -23.68 -28.70 10.73
CA PRO A 543 -24.80 -28.99 9.83
C PRO A 543 -24.64 -28.28 8.49
N TRP A 544 -24.93 -28.99 7.42
CA TRP A 544 -24.79 -28.51 6.04
C TRP A 544 -23.38 -27.96 5.82
N THR A 545 -22.43 -28.90 5.74
CA THR A 545 -21.02 -28.56 5.55
C THR A 545 -20.38 -29.65 4.72
N GLN A 546 -19.71 -29.25 3.64
CA GLN A 546 -19.07 -30.20 2.73
C GLN A 546 -17.73 -30.64 3.32
N TYR A 547 -17.57 -31.95 3.52
CA TYR A 547 -16.34 -32.51 4.05
C TYR A 547 -15.65 -33.37 3.00
N ALA A 548 -14.34 -33.23 2.89
CA ALA A 548 -13.54 -34.04 1.99
C ALA A 548 -13.01 -35.25 2.76
N VAL A 549 -13.34 -36.45 2.29
CA VAL A 549 -12.98 -37.69 2.96
C VAL A 549 -12.30 -38.61 1.97
N TYR A 550 -11.24 -39.29 2.42
CA TYR A 550 -10.60 -40.34 1.66
C TYR A 550 -9.87 -41.26 2.63
N VAL A 551 -9.92 -42.56 2.36
CA VAL A 551 -9.29 -43.56 3.22
C VAL A 551 -7.98 -43.99 2.59
N LYS A 552 -7.02 -44.35 3.45
CA LYS A 552 -5.71 -44.81 3.02
C LYS A 552 -5.35 -46.07 3.80
N ALA A 553 -4.78 -47.04 3.11
CA ALA A 553 -4.42 -48.32 3.72
C ALA A 553 -3.04 -48.26 4.34
N VAL A 554 -2.86 -49.04 5.41
CA VAL A 554 -1.58 -49.15 6.10
C VAL A 554 -1.13 -50.60 5.95
N THR A 555 -0.29 -50.87 4.96
CA THR A 555 0.19 -52.22 4.67
C THR A 555 1.59 -52.37 5.27
N LEU A 556 1.67 -53.01 6.43
CA LEU A 556 2.96 -53.31 7.06
C LEU A 556 3.46 -54.63 6.51
N THR A 557 4.37 -54.56 5.54
CA THR A 557 4.85 -55.75 4.85
C THR A 557 5.94 -56.42 5.67
N MET A 558 5.70 -57.67 6.09
CA MET A 558 6.74 -58.45 6.74
C MET A 558 7.91 -58.70 5.79
N VAL A 559 7.60 -58.93 4.52
CA VAL A 559 8.61 -59.08 3.48
C VAL A 559 8.71 -57.74 2.76
N GLU A 560 9.82 -57.04 2.97
CA GLU A 560 9.98 -55.69 2.47
C GLU A 560 10.26 -55.67 0.97
N ASN A 561 9.80 -54.60 0.33
CA ASN A 561 10.05 -54.28 -1.08
C ASN A 561 9.39 -55.34 -1.95
N ASP A 562 10.13 -56.06 -2.81
CA ASP A 562 9.54 -56.87 -3.88
C ASP A 562 8.61 -56.02 -4.74
N HIS A 563 7.48 -55.59 -4.18
CA HIS A 563 6.59 -54.62 -4.85
C HIS A 563 5.86 -53.86 -3.75
N ILE A 564 6.46 -52.75 -3.32
CA ILE A 564 5.81 -51.90 -2.32
C ILE A 564 4.51 -51.37 -2.92
N ARG A 565 3.39 -51.71 -2.28
CA ARG A 565 2.07 -51.45 -2.86
C ARG A 565 1.14 -50.97 -1.76
N GLY A 566 0.70 -49.71 -1.86
CA GLY A 566 -0.32 -49.18 -0.98
C GLY A 566 -1.68 -49.10 -1.66
N ALA A 567 -2.65 -48.61 -0.90
CA ALA A 567 -4.01 -48.45 -1.40
C ALA A 567 -4.54 -47.09 -0.98
N LYS A 568 -5.07 -46.33 -1.94
CA LYS A 568 -5.59 -45.00 -1.70
C LYS A 568 -6.93 -44.84 -2.39
N SER A 569 -7.84 -44.11 -1.76
CA SER A 569 -9.18 -43.89 -2.28
C SER A 569 -9.28 -42.51 -2.92
N GLU A 570 -10.37 -42.32 -3.65
CA GLU A 570 -10.66 -41.00 -4.22
C GLU A 570 -11.21 -40.08 -3.13
N ILE A 571 -10.97 -38.78 -3.31
CA ILE A 571 -11.43 -37.79 -2.36
C ILE A 571 -12.94 -37.61 -2.50
N LEU A 572 -13.71 -38.18 -1.57
CA LEU A 572 -15.15 -38.11 -1.60
C LEU A 572 -15.63 -36.90 -0.81
N TYR A 573 -16.52 -36.11 -1.40
CA TYR A 573 -17.05 -34.91 -0.78
C TYR A 573 -18.46 -35.21 -0.27
N ILE A 574 -18.62 -35.21 1.05
CA ILE A 574 -19.90 -35.48 1.70
C ILE A 574 -20.31 -34.24 2.48
N ARG A 575 -21.54 -33.79 2.24
CA ARG A 575 -22.12 -32.66 2.97
C ARG A 575 -23.17 -33.19 3.93
N THR A 576 -23.13 -32.71 5.17
CA THR A 576 -24.09 -33.13 6.17
C THR A 576 -25.46 -32.55 5.88
N ASN A 577 -26.45 -32.92 6.70
CA ASN A 577 -27.80 -32.43 6.51
C ASN A 577 -27.91 -30.98 6.97
N ALA A 578 -29.05 -30.37 6.66
CA ALA A 578 -29.37 -29.03 7.13
C ALA A 578 -30.15 -29.12 8.43
N SER A 579 -30.19 -28.00 9.15
CA SER A 579 -30.88 -27.93 10.43
C SER A 579 -31.63 -26.60 10.52
N VAL A 580 -32.23 -26.35 11.67
CA VAL A 580 -32.95 -25.09 11.90
C VAL A 580 -31.95 -23.94 11.88
N PRO A 581 -32.21 -22.87 11.13
CA PRO A 581 -31.26 -21.76 11.05
C PRO A 581 -31.19 -21.00 12.37
N SER A 582 -30.23 -20.08 12.42
CA SER A 582 -30.10 -19.18 13.56
C SER A 582 -30.99 -17.96 13.36
N ILE A 583 -31.19 -17.22 14.43
CA ILE A 583 -31.99 -16.00 14.38
C ILE A 583 -31.21 -14.94 13.60
N PRO A 584 -31.88 -14.06 12.85
CA PRO A 584 -31.17 -12.98 12.16
C PRO A 584 -30.45 -12.08 13.16
N LEU A 585 -29.38 -11.45 12.69
CA LEU A 585 -28.46 -10.72 13.54
C LEU A 585 -28.70 -9.21 13.43
N ASP A 586 -28.83 -8.56 14.59
CA ASP A 586 -28.85 -7.11 14.69
C ASP A 586 -29.95 -6.49 13.82
N VAL A 587 -31.19 -6.58 14.28
CA VAL A 587 -32.32 -6.01 13.55
C VAL A 587 -32.42 -4.52 13.87
N LEU A 588 -32.32 -3.69 12.84
CA LEU A 588 -32.43 -2.24 12.97
C LEU A 588 -33.57 -1.74 12.09
N SER A 589 -34.28 -0.73 12.56
CA SER A 589 -35.45 -0.22 11.85
C SER A 589 -35.56 1.27 12.06
N ALA A 590 -36.02 1.96 11.01
CA ALA A 590 -36.25 3.40 11.05
C ALA A 590 -37.47 3.72 10.19
N SER A 591 -37.90 4.97 10.24
CA SER A 591 -39.08 5.43 9.51
C SER A 591 -38.71 6.68 8.73
N ASN A 592 -38.65 6.56 7.40
CA ASN A 592 -38.41 7.70 6.54
C ASN A 592 -39.68 8.46 6.18
N SER A 593 -40.85 7.87 6.42
CA SER A 593 -42.11 8.51 6.13
C SER A 593 -43.21 7.83 6.93
N SER A 594 -44.30 8.55 7.15
CA SER A 594 -45.46 7.97 7.80
C SER A 594 -46.02 6.83 6.94
N SER A 595 -46.62 5.85 7.61
CA SER A 595 -47.17 4.65 6.96
C SER A 595 -46.08 3.83 6.25
N GLN A 596 -44.82 4.02 6.63
CA GLN A 596 -43.73 3.27 6.06
C GLN A 596 -42.69 2.96 7.14
N LEU A 597 -42.10 1.77 7.05
CA LEU A 597 -41.08 1.33 8.00
C LEU A 597 -40.03 0.53 7.26
N ILE A 598 -38.81 1.05 7.23
CA ILE A 598 -37.67 0.32 6.69
C ILE A 598 -37.01 -0.45 7.83
N VAL A 599 -36.44 -1.60 7.50
CA VAL A 599 -35.81 -2.46 8.51
C VAL A 599 -34.76 -3.31 7.83
N LYS A 600 -33.55 -3.30 8.38
CA LYS A 600 -32.43 -4.07 7.86
C LYS A 600 -31.87 -4.97 8.96
N TRP A 601 -31.18 -6.02 8.53
CA TRP A 601 -30.61 -6.99 9.46
C TRP A 601 -29.39 -7.63 8.79
N ASN A 602 -28.79 -8.59 9.51
CA ASN A 602 -27.64 -9.32 9.02
C ASN A 602 -27.94 -10.80 8.97
N PRO A 603 -27.32 -11.55 8.06
CA PRO A 603 -27.60 -12.97 7.95
C PRO A 603 -27.27 -13.68 9.25
N PRO A 604 -27.95 -14.79 9.54
CA PRO A 604 -27.77 -15.46 10.83
C PRO A 604 -26.35 -15.99 11.01
N SER A 605 -26.01 -16.29 12.26
CA SER A 605 -24.67 -16.78 12.57
C SER A 605 -24.43 -18.15 11.95
N LEU A 606 -25.39 -19.07 12.07
CA LEU A 606 -25.26 -20.42 11.54
C LEU A 606 -26.46 -20.70 10.65
N PRO A 607 -26.38 -20.36 9.36
CA PRO A 607 -27.53 -20.60 8.46
C PRO A 607 -27.89 -22.06 8.33
N ASN A 608 -26.89 -22.94 8.20
CA ASN A 608 -27.09 -24.39 8.04
C ASN A 608 -27.94 -24.69 6.79
N GLY A 609 -27.45 -24.21 5.66
CA GLY A 609 -28.09 -24.44 4.39
C GLY A 609 -28.08 -23.17 3.54
N ASN A 610 -28.89 -23.19 2.49
CA ASN A 610 -29.10 -22.02 1.64
C ASN A 610 -30.18 -21.15 2.24
N LEU A 611 -29.89 -19.85 2.39
CA LEU A 611 -30.80 -18.94 3.09
C LEU A 611 -32.16 -18.87 2.43
N SER A 612 -32.21 -18.98 1.10
CA SER A 612 -33.47 -18.92 0.34
C SER A 612 -34.21 -17.60 0.55
N TYR A 613 -34.83 -17.41 1.70
CA TYR A 613 -35.62 -16.22 1.94
C TYR A 613 -35.75 -15.95 3.43
N TYR A 614 -36.18 -14.73 3.75
CA TYR A 614 -36.54 -14.33 5.10
C TYR A 614 -38.05 -14.09 5.18
N ILE A 615 -38.61 -14.24 6.37
CA ILE A 615 -40.03 -14.01 6.60
C ILE A 615 -40.16 -13.05 7.78
N VAL A 616 -40.74 -11.88 7.52
CA VAL A 616 -40.85 -10.81 8.50
C VAL A 616 -42.32 -10.59 8.84
N ARG A 617 -42.60 -10.26 10.10
CA ARG A 617 -43.94 -9.99 10.57
C ARG A 617 -43.95 -8.70 11.37
N TRP A 618 -45.00 -7.91 11.19
CA TRP A 618 -45.16 -6.66 11.93
C TRP A 618 -46.56 -6.61 12.53
N GLN A 619 -46.62 -6.31 13.82
CA GLN A 619 -47.88 -6.25 14.57
C GLN A 619 -48.05 -4.86 15.14
N ARG A 620 -49.25 -4.31 14.99
CA ARG A 620 -49.55 -3.00 15.57
C ARG A 620 -49.53 -3.07 17.09
N GLN A 621 -48.89 -2.09 17.70
CA GLN A 621 -48.91 -2.08 19.17
C GLN A 621 -49.93 -1.08 19.68
N PRO A 622 -50.66 -1.44 20.74
CA PRO A 622 -51.68 -0.52 21.27
C PRO A 622 -51.03 0.69 21.92
N GLN A 623 -51.69 1.84 21.77
CA GLN A 623 -51.25 3.03 22.50
C GLN A 623 -51.35 2.77 23.99
N ASP A 624 -50.36 3.26 24.74
CA ASP A 624 -50.13 2.84 26.12
C ASP A 624 -51.39 2.89 26.95
N GLY A 625 -51.60 1.83 27.75
CA GLY A 625 -52.64 1.85 28.75
C GLY A 625 -52.49 3.03 29.69
N TYR A 626 -53.59 3.37 30.36
CA TYR A 626 -53.72 4.65 31.07
C TYR A 626 -53.50 5.73 30.01
N LEU A 627 -52.68 6.75 30.26
CA LEU A 627 -52.44 7.83 29.31
C LEU A 627 -53.76 8.53 28.95
N TYR A 628 -54.75 7.76 28.50
CA TYR A 628 -56.10 8.29 28.34
C TYR A 628 -56.71 8.68 29.69
N ARG A 629 -56.24 8.06 30.77
CA ARG A 629 -56.89 8.21 32.08
C ARG A 629 -56.44 9.49 32.78
N HIS A 630 -55.16 9.83 32.69
CA HIS A 630 -54.62 10.94 33.48
C HIS A 630 -55.09 12.28 32.94
N ASN A 631 -55.24 13.25 33.85
CA ASN A 631 -55.57 14.62 33.50
C ASN A 631 -54.26 15.39 33.37
N TYR A 632 -53.82 15.60 32.13
CA TYR A 632 -52.49 16.16 31.88
C TYR A 632 -52.45 17.68 31.97
N CYS A 633 -53.52 18.32 32.47
CA CYS A 633 -53.45 19.73 32.81
C CYS A 633 -52.88 19.96 34.20
N SER A 634 -52.83 18.91 35.03
CA SER A 634 -52.23 19.01 36.35
C SER A 634 -50.75 18.63 36.37
N LYS A 635 -50.31 17.81 35.42
CA LYS A 635 -48.93 17.39 35.38
C LYS A 635 -48.02 18.54 34.95
N ASP A 636 -46.73 18.42 35.29
CA ASP A 636 -45.73 19.37 34.86
C ASP A 636 -44.95 18.89 33.64
N LYS A 637 -44.89 17.59 33.39
CA LYS A 637 -44.21 17.02 32.24
C LYS A 637 -45.15 16.06 31.54
N ILE A 638 -45.49 16.37 30.29
CA ILE A 638 -46.35 15.53 29.46
C ILE A 638 -45.47 14.67 28.57
N PRO A 639 -45.74 13.38 28.44
CA PRO A 639 -44.81 12.49 27.72
C PRO A 639 -44.86 12.70 26.21
N ILE A 640 -43.73 12.41 25.57
CA ILE A 640 -43.60 12.43 24.12
C ILE A 640 -42.76 11.24 23.69
N ARG A 641 -42.68 11.04 22.38
CA ARG A 641 -41.99 9.88 21.83
C ARG A 641 -41.67 10.16 20.36
N LYS A 642 -40.59 9.54 19.88
CA LYS A 642 -40.21 9.65 18.47
C LYS A 642 -40.41 8.33 17.75
N GLU A 682 -12.12 -11.77 30.52
CA GLU A 682 -12.54 -10.49 31.08
C GLU A 682 -13.93 -10.09 30.59
N LYS A 683 -14.16 -10.21 29.28
CA LYS A 683 -15.45 -9.90 28.66
C LYS A 683 -16.01 -11.19 28.10
N GLU A 684 -16.89 -11.85 28.87
CA GLU A 684 -17.49 -13.12 28.49
C GLU A 684 -18.98 -12.97 28.16
N GLU A 685 -19.43 -11.76 27.82
CA GLU A 685 -20.83 -11.55 27.52
C GLU A 685 -21.25 -12.24 26.23
N ALA A 686 -20.30 -12.59 25.36
CA ALA A 686 -20.63 -13.40 24.19
C ALA A 686 -21.02 -14.82 24.60
N GLU A 687 -20.36 -15.36 25.62
CA GLU A 687 -20.77 -16.65 26.17
C GLU A 687 -22.11 -16.54 26.88
N TYR A 688 -22.39 -15.37 27.49
CA TYR A 688 -23.69 -15.16 28.12
C TYR A 688 -24.80 -15.16 27.08
N ARG A 689 -24.61 -14.42 25.99
CA ARG A 689 -25.63 -14.38 24.93
C ARG A 689 -25.73 -15.70 24.18
N LYS A 690 -24.69 -16.53 24.20
CA LYS A 690 -24.77 -17.83 23.56
C LYS A 690 -25.79 -18.72 24.26
N VAL A 691 -25.89 -18.62 25.58
CA VAL A 691 -26.83 -19.45 26.33
C VAL A 691 -28.26 -19.17 25.88
N PHE A 692 -28.58 -17.91 25.61
CA PHE A 692 -29.92 -17.56 25.16
C PHE A 692 -30.17 -17.91 23.70
N GLU A 693 -29.11 -18.02 22.89
CA GLU A 693 -29.30 -18.52 21.53
C GLU A 693 -29.52 -20.02 21.52
N ASN A 694 -28.93 -20.74 22.48
CA ASN A 694 -29.17 -22.18 22.57
C ASN A 694 -30.61 -22.48 22.98
N PHE A 695 -31.25 -21.54 23.69
CA PHE A 695 -32.63 -21.74 24.10
C PHE A 695 -33.60 -21.69 22.92
N LEU A 696 -33.23 -20.96 21.86
CA LEU A 696 -34.13 -20.75 20.73
C LEU A 696 -34.15 -21.91 19.75
N HIS A 697 -33.52 -23.03 20.08
CA HIS A 697 -33.58 -24.22 19.22
C HIS A 697 -34.80 -25.09 19.51
N ASN A 698 -35.27 -25.12 20.75
CA ASN A 698 -36.43 -25.93 21.11
C ASN A 698 -37.74 -25.34 20.62
N SER A 699 -37.73 -24.11 20.09
CA SER A 699 -38.94 -23.49 19.55
C SER A 699 -38.63 -22.93 18.18
N ILE A 700 -39.41 -23.34 17.19
CA ILE A 700 -39.23 -22.88 15.81
C ILE A 700 -40.46 -22.12 15.36
N PHE A 701 -40.53 -21.79 14.07
CA PHE A 701 -41.65 -21.05 13.52
C PHE A 701 -42.07 -21.70 12.21
N VAL A 702 -43.32 -22.13 12.13
CA VAL A 702 -43.87 -22.74 10.92
C VAL A 702 -44.65 -21.65 10.17
N PRO A 703 -44.20 -21.22 9.00
CA PRO A 703 -44.86 -20.12 8.30
C PRO A 703 -46.04 -20.59 7.45
N ARG A 704 -46.81 -19.62 7.00
CA ARG A 704 -47.97 -19.89 6.14
C ARG A 704 -48.00 -18.91 4.96
N GLU A 724 -54.15 -9.00 20.41
CA GLU A 724 -55.41 -8.48 19.88
C GLU A 724 -55.25 -7.98 18.45
N TYR A 725 -54.14 -7.29 18.19
CA TYR A 725 -53.89 -6.82 16.83
C TYR A 725 -53.35 -7.96 15.96
N PRO A 726 -53.75 -8.01 14.70
CA PRO A 726 -53.32 -9.12 13.84
C PRO A 726 -51.91 -8.94 13.32
N PHE A 727 -51.26 -10.08 13.04
CA PHE A 727 -49.92 -10.08 12.47
C PHE A 727 -50.01 -10.09 10.95
N PHE A 728 -49.24 -9.23 10.30
CA PHE A 728 -49.09 -9.22 8.85
C PHE A 728 -47.76 -9.85 8.48
N GLU A 729 -47.78 -10.69 7.45
CA GLU A 729 -46.67 -11.59 7.16
C GLU A 729 -46.26 -11.46 5.70
N SER A 730 -44.96 -11.22 5.47
CA SER A 730 -44.44 -11.06 4.11
C SER A 730 -43.09 -11.77 4.00
N ARG A 731 -42.81 -12.28 2.80
CA ARG A 731 -41.58 -13.00 2.52
C ARG A 731 -40.61 -12.10 1.75
N VAL A 732 -39.37 -12.04 2.22
CA VAL A 732 -38.29 -11.32 1.54
C VAL A 732 -37.39 -12.36 0.89
N ASP A 733 -37.36 -12.38 -0.44
CA ASP A 733 -36.77 -13.49 -1.18
C ASP A 733 -35.27 -13.39 -1.41
N ASN A 734 -34.67 -12.21 -1.23
CA ASN A 734 -33.26 -12.07 -1.58
C ASN A 734 -32.47 -11.26 -0.56
N LYS A 735 -32.72 -9.94 -0.52
CA LYS A 735 -31.91 -9.04 0.29
C LYS A 735 -32.20 -9.24 1.78
N GLU A 736 -31.46 -8.51 2.61
CA GLU A 736 -31.71 -8.41 4.03
C GLU A 736 -32.36 -7.08 4.41
N ARG A 737 -33.03 -6.44 3.45
CA ARG A 737 -33.72 -5.17 3.67
C ARG A 737 -35.14 -5.26 3.14
N THR A 738 -36.05 -4.54 3.78
CA THR A 738 -37.44 -4.49 3.33
C THR A 738 -38.09 -3.26 3.90
N VAL A 739 -39.12 -2.78 3.20
CA VAL A 739 -39.89 -1.60 3.61
C VAL A 739 -41.34 -2.01 3.77
N ILE A 740 -41.91 -1.73 4.93
CA ILE A 740 -43.29 -2.05 5.24
C ILE A 740 -44.17 -0.90 4.79
N SER A 741 -45.32 -1.22 4.19
CA SER A 741 -46.23 -0.22 3.66
C SER A 741 -47.56 -0.27 4.40
N ASN A 742 -48.34 0.81 4.25
CA ASN A 742 -49.67 0.93 4.83
C ASN A 742 -49.65 0.75 6.34
N LEU A 743 -49.30 1.82 7.06
CA LEU A 743 -49.22 1.80 8.52
C LEU A 743 -49.93 3.02 9.08
N ARG A 744 -50.36 2.91 10.33
CA ARG A 744 -50.98 4.04 11.00
C ARG A 744 -49.91 4.99 11.52
N PRO A 745 -49.98 6.28 11.19
CA PRO A 745 -48.86 7.18 11.54
C PRO A 745 -48.72 7.36 13.05
N PHE A 746 -47.46 7.41 13.48
CA PHE A 746 -47.09 7.54 14.89
C PHE A 746 -47.73 6.43 15.73
N THR A 747 -47.46 5.20 15.34
CA THR A 747 -47.90 4.02 16.08
C THR A 747 -46.73 3.05 16.19
N LEU A 748 -46.61 2.42 17.37
CA LEU A 748 -45.53 1.48 17.61
C LEU A 748 -45.82 0.15 16.95
N TYR A 749 -44.76 -0.51 16.48
CA TYR A 749 -44.89 -1.77 15.76
C TYR A 749 -43.90 -2.79 16.30
N ARG A 750 -44.38 -4.02 16.47
CA ARG A 750 -43.54 -5.16 16.80
C ARG A 750 -43.11 -5.84 15.51
N ILE A 751 -41.81 -5.88 15.24
CA ILE A 751 -41.27 -6.39 13.99
C ILE A 751 -40.59 -7.72 14.28
N ASP A 752 -41.29 -8.82 14.01
CA ASP A 752 -40.72 -10.16 14.12
C ASP A 752 -40.05 -10.54 12.81
N ILE A 753 -38.79 -10.95 12.89
CA ILE A 753 -38.00 -11.34 11.73
C ILE A 753 -37.46 -12.74 11.95
N HIS A 754 -37.76 -13.65 11.03
CA HIS A 754 -37.24 -15.01 11.04
C HIS A 754 -36.33 -15.23 9.85
N SER A 755 -35.59 -16.33 9.90
CA SER A 755 -34.69 -16.73 8.82
C SER A 755 -34.94 -18.18 8.49
N CYS A 756 -35.37 -18.46 7.27
CA CYS A 756 -35.62 -19.82 6.83
C CYS A 756 -34.48 -20.30 5.94
N ASN A 757 -34.62 -21.54 5.46
CA ASN A 757 -33.67 -22.09 4.50
C ASN A 757 -34.43 -23.03 3.55
N HIS A 758 -33.67 -23.67 2.65
CA HIS A 758 -34.29 -24.51 1.64
C HIS A 758 -34.96 -25.74 2.25
N GLU A 759 -34.50 -26.18 3.41
CA GLU A 759 -35.12 -27.31 4.11
C GLU A 759 -36.01 -26.87 5.26
N ALA A 760 -36.35 -25.58 5.34
CA ALA A 760 -37.19 -25.08 6.42
C ALA A 760 -38.65 -25.46 6.25
N GLU A 761 -39.04 -26.00 5.09
CA GLU A 761 -40.41 -26.44 4.90
C GLU A 761 -40.71 -27.75 5.63
N LYS A 762 -39.68 -28.49 6.04
CA LYS A 762 -39.84 -29.68 6.86
C LYS A 762 -39.15 -29.55 8.21
N LEU A 763 -38.00 -28.89 8.26
CA LEU A 763 -37.33 -28.65 9.54
C LEU A 763 -38.04 -27.59 10.36
N GLY A 764 -38.71 -26.65 9.71
CA GLY A 764 -39.31 -25.53 10.41
C GLY A 764 -38.41 -24.32 10.39
N CYS A 765 -38.97 -23.15 10.09
CA CYS A 765 -38.17 -21.94 10.00
C CYS A 765 -37.74 -21.49 11.39
N SER A 766 -36.67 -20.70 11.43
CA SER A 766 -35.98 -20.37 12.67
C SER A 766 -36.85 -19.50 13.57
N ALA A 767 -36.33 -19.21 14.76
CA ALA A 767 -37.00 -18.36 15.72
C ALA A 767 -36.92 -16.90 15.25
N SER A 768 -37.44 -16.00 16.08
CA SER A 768 -37.59 -14.60 15.72
C SER A 768 -36.69 -13.73 16.58
N ASN A 769 -35.98 -12.81 15.92
CA ASN A 769 -35.25 -11.73 16.59
C ASN A 769 -36.05 -10.46 16.31
N PHE A 770 -36.80 -10.00 17.31
CA PHE A 770 -37.77 -8.94 17.13
C PHE A 770 -37.22 -7.58 17.57
N VAL A 771 -37.88 -6.53 17.08
CA VAL A 771 -37.54 -5.15 17.42
C VAL A 771 -38.82 -4.33 17.40
N PHE A 772 -38.78 -3.17 18.07
CA PHE A 772 -39.91 -2.26 18.14
C PHE A 772 -39.54 -0.94 17.47
N ALA A 773 -40.45 -0.43 16.64
CA ALA A 773 -40.22 0.82 15.94
C ALA A 773 -41.54 1.55 15.77
N ARG A 774 -41.49 2.88 15.84
CA ARG A 774 -42.65 3.74 15.67
C ARG A 774 -42.51 4.54 14.39
N THR A 775 -43.62 4.71 13.67
CA THR A 775 -43.61 5.42 12.41
C THR A 775 -43.53 6.93 12.64
N MET A 776 -43.38 7.66 11.53
CA MET A 776 -43.31 9.11 11.59
C MET A 776 -44.70 9.71 11.88
N PRO A 777 -44.76 10.86 12.54
CA PRO A 777 -46.06 11.49 12.79
C PRO A 777 -46.64 12.06 11.51
N ALA A 778 -47.96 11.93 11.38
CA ALA A 778 -48.65 12.52 10.24
C ALA A 778 -48.64 14.04 10.38
N GLU A 779 -48.00 14.72 9.43
CA GLU A 779 -47.81 16.16 9.53
C GLU A 779 -49.14 16.89 9.46
N GLY A 780 -49.34 17.83 10.38
CA GLY A 780 -50.55 18.63 10.40
C GLY A 780 -51.82 17.87 10.74
N ALA A 781 -51.71 16.65 11.24
CA ALA A 781 -52.88 15.85 11.57
C ALA A 781 -53.38 16.08 12.98
N ASP A 782 -52.61 16.75 13.83
CA ASP A 782 -53.02 16.98 15.21
C ASP A 782 -53.28 18.46 15.47
N ASP A 783 -54.02 19.11 14.57
CA ASP A 783 -54.46 20.48 14.76
C ASP A 783 -55.97 20.54 14.52
N ILE A 784 -56.57 21.67 14.88
CA ILE A 784 -58.03 21.80 14.82
C ILE A 784 -58.47 21.86 13.36
N PRO A 785 -59.41 21.02 12.94
CA PRO A 785 -59.81 20.99 11.52
C PRO A 785 -60.89 21.97 11.13
N GLY A 786 -61.39 22.79 12.05
CA GLY A 786 -62.44 23.72 11.75
C GLY A 786 -62.35 25.01 12.54
N PRO A 787 -63.32 25.90 12.35
CA PRO A 787 -63.32 27.17 13.08
C PRO A 787 -63.84 27.02 14.49
N VAL A 788 -63.45 27.96 15.34
CA VAL A 788 -63.86 27.99 16.74
C VAL A 788 -65.13 28.84 16.86
N THR A 789 -66.10 28.33 17.59
CA THR A 789 -67.35 29.03 17.83
C THR A 789 -67.49 29.33 19.32
N TRP A 790 -68.19 30.42 19.63
CA TRP A 790 -68.37 30.87 20.99
C TRP A 790 -69.84 31.18 21.26
N GLU A 791 -70.27 30.94 22.50
CA GLU A 791 -71.66 31.15 22.91
C GLU A 791 -71.64 31.74 24.32
N PRO A 792 -72.31 32.88 24.53
CA PRO A 792 -72.34 33.46 25.88
C PRO A 792 -73.18 32.62 26.83
N ARG A 793 -72.72 32.53 28.06
CA ARG A 793 -73.31 31.67 29.09
C ARG A 793 -73.43 32.47 30.38
N PRO A 794 -74.19 31.95 31.38
CA PRO A 794 -74.40 32.71 32.62
C PRO A 794 -73.13 33.19 33.29
N GLU A 795 -73.28 34.14 34.22
CA GLU A 795 -72.19 34.96 34.76
C GLU A 795 -71.61 35.73 33.59
N ASN A 796 -70.34 36.13 33.67
CA ASN A 796 -69.64 36.74 32.54
C ASN A 796 -68.71 35.73 31.88
N SER A 797 -69.33 34.66 31.38
CA SER A 797 -68.61 33.50 30.88
C SER A 797 -68.78 33.36 29.36
N ILE A 798 -67.86 32.62 28.75
CA ILE A 798 -67.86 32.35 27.33
C ILE A 798 -67.52 30.87 27.14
N PHE A 799 -68.27 30.18 26.29
CA PHE A 799 -68.05 28.77 26.00
C PHE A 799 -67.49 28.64 24.59
N LEU A 800 -66.20 28.33 24.49
CA LEU A 800 -65.58 28.11 23.19
C LEU A 800 -65.81 26.66 22.75
N LYS A 801 -66.24 26.50 21.51
CA LYS A 801 -66.53 25.19 20.93
C LYS A 801 -65.74 25.04 19.64
N TRP A 802 -65.07 23.90 19.48
CA TRP A 802 -64.22 23.64 18.33
C TRP A 802 -64.27 22.16 18.01
N PRO A 803 -64.04 21.78 16.75
CA PRO A 803 -64.04 20.36 16.40
C PRO A 803 -62.78 19.64 16.83
N GLU A 804 -62.94 18.35 17.08
CA GLU A 804 -61.83 17.50 17.52
C GLU A 804 -61.07 16.96 16.30
N PRO A 805 -59.73 16.96 16.36
CA PRO A 805 -58.96 16.36 15.25
C PRO A 805 -59.30 14.89 15.09
N GLU A 806 -59.75 14.52 13.88
CA GLU A 806 -60.22 13.16 13.65
C GLU A 806 -59.10 12.15 13.82
N ASN A 807 -57.98 12.35 13.14
CA ASN A 807 -56.85 11.42 13.16
C ASN A 807 -55.64 12.13 13.75
N PRO A 808 -55.48 12.12 15.07
CA PRO A 808 -54.30 12.76 15.67
C PRO A 808 -53.09 11.85 15.65
N ASN A 809 -51.92 12.47 15.83
CA ASN A 809 -50.68 11.71 15.95
C ASN A 809 -50.64 11.00 17.30
N GLY A 810 -51.11 9.76 17.33
CA GLY A 810 -51.18 9.02 18.58
C GLY A 810 -52.46 9.30 19.34
N LEU A 811 -52.50 10.44 20.03
CA LEU A 811 -53.64 10.80 20.87
C LEU A 811 -53.52 12.25 21.29
N ILE A 812 -54.64 12.96 21.26
CA ILE A 812 -54.69 14.33 21.79
C ILE A 812 -54.78 14.25 23.31
N LEU A 813 -53.77 14.78 23.99
CA LEU A 813 -53.75 14.73 25.45
C LEU A 813 -54.46 15.92 26.09
N MET A 814 -54.30 17.12 25.52
CA MET A 814 -54.87 18.32 26.12
C MET A 814 -54.87 19.43 25.10
N TYR A 815 -55.75 20.40 25.31
CA TYR A 815 -55.80 21.64 24.54
C TYR A 815 -55.38 22.81 25.40
N GLU A 816 -54.94 23.88 24.75
CA GLU A 816 -54.58 25.12 25.43
C GLU A 816 -55.27 26.28 24.74
N ILE A 817 -56.04 27.05 25.50
CA ILE A 817 -56.71 28.24 25.01
C ILE A 817 -55.90 29.45 25.45
N LYS A 818 -55.59 30.33 24.51
CA LYS A 818 -54.77 31.51 24.75
C LYS A 818 -55.61 32.74 24.40
N TYR A 819 -56.10 33.43 25.42
CA TYR A 819 -57.04 34.54 25.22
C TYR A 819 -56.62 35.75 26.03
N GLY A 820 -57.20 36.89 25.67
CA GLY A 820 -56.92 38.14 26.37
C GLY A 820 -57.67 39.27 25.70
N SER A 821 -57.70 40.41 26.40
CA SER A 821 -58.41 41.59 25.89
C SER A 821 -57.53 42.35 24.90
N GLN A 822 -56.34 42.78 25.33
CA GLN A 822 -55.39 43.44 24.45
C GLN A 822 -54.26 42.52 24.04
N VAL A 823 -53.71 41.75 24.98
CA VAL A 823 -52.73 40.71 24.69
C VAL A 823 -53.28 39.38 25.19
N GLU A 824 -53.08 38.33 24.39
CA GLU A 824 -53.55 36.99 24.76
C GLU A 824 -52.71 36.49 25.92
N ASP A 825 -53.01 37.03 27.11
CA ASP A 825 -52.26 36.78 28.33
C ASP A 825 -52.83 35.60 29.12
N GLN A 826 -54.14 35.60 29.33
CA GLN A 826 -54.78 34.51 30.07
C GLN A 826 -54.74 33.23 29.24
N ARG A 827 -54.33 32.13 29.87
CA ARG A 827 -54.23 30.85 29.19
C ARG A 827 -54.98 29.79 29.97
N GLU A 828 -55.86 29.06 29.28
CA GLU A 828 -56.72 28.06 29.87
C GLU A 828 -56.34 26.68 29.37
N CYS A 829 -56.12 25.75 30.29
CA CYS A 829 -55.78 24.38 29.95
C CYS A 829 -57.05 23.54 29.90
N VAL A 830 -57.24 22.82 28.80
CA VAL A 830 -58.40 21.97 28.60
C VAL A 830 -57.90 20.53 28.48
N SER A 831 -58.26 19.69 29.44
CA SER A 831 -57.82 18.30 29.42
C SER A 831 -58.61 17.52 28.37
N ARG A 832 -58.14 16.31 28.09
CA ARG A 832 -58.84 15.45 27.13
C ARG A 832 -60.19 15.02 27.65
N GLN A 833 -60.27 14.64 28.93
CA GLN A 833 -61.54 14.22 29.51
C GLN A 833 -62.53 15.38 29.60
N GLU A 834 -62.02 16.61 29.79
CA GLU A 834 -62.91 17.76 29.83
C GLU A 834 -63.55 18.02 28.46
N TYR A 835 -62.79 17.81 27.39
CA TYR A 835 -63.34 18.01 26.05
C TYR A 835 -64.36 16.92 25.70
N ARG A 836 -64.16 15.70 26.21
CA ARG A 836 -65.10 14.62 25.91
C ARG A 836 -66.47 14.89 26.52
N LYS A 837 -66.54 15.67 27.61
CA LYS A 837 -67.81 15.91 28.28
C LYS A 837 -68.61 16.98 27.56
N TYR A 838 -68.00 18.12 27.25
CA TYR A 838 -68.72 19.28 26.74
C TYR A 838 -68.44 19.58 25.27
N GLY A 839 -67.45 18.96 24.66
CA GLY A 839 -67.09 19.32 23.30
C GLY A 839 -66.42 20.66 23.19
N GLY A 840 -65.91 21.21 24.28
CA GLY A 840 -65.26 22.50 24.28
C GLY A 840 -64.78 22.89 25.67
N ALA A 841 -64.66 24.20 25.91
CA ALA A 841 -64.24 24.70 27.21
C ALA A 841 -64.98 25.99 27.52
N LYS A 842 -65.31 26.19 28.80
CA LYS A 842 -66.02 27.37 29.26
C LYS A 842 -65.04 28.28 29.98
N LEU A 843 -64.78 29.44 29.40
CA LEU A 843 -63.99 30.46 30.07
C LEU A 843 -64.84 31.11 31.16
N ASN A 844 -64.38 31.00 32.41
CA ASN A 844 -65.22 31.27 33.57
C ASN A 844 -65.04 32.71 34.05
N ARG A 845 -66.14 33.46 34.02
CA ARG A 845 -66.24 34.79 34.64
C ARG A 845 -65.13 35.73 34.20
N LEU A 846 -65.28 36.33 33.02
CA LEU A 846 -64.28 37.23 32.45
C LEU A 846 -64.66 38.68 32.70
N ASN A 847 -63.66 39.55 32.63
CA ASN A 847 -63.92 40.98 32.70
C ASN A 847 -64.52 41.45 31.38
N PRO A 848 -65.44 42.41 31.41
CA PRO A 848 -66.06 42.87 30.16
C PRO A 848 -65.05 43.51 29.22
N GLY A 849 -65.30 43.36 27.94
CA GLY A 849 -64.44 43.93 26.92
C GLY A 849 -64.42 43.04 25.69
N ASN A 850 -63.60 43.46 24.73
CA ASN A 850 -63.39 42.69 23.50
C ASN A 850 -62.23 41.72 23.68
N TYR A 851 -62.40 40.51 23.18
CA TYR A 851 -61.45 39.43 23.41
C TYR A 851 -61.06 38.76 22.10
N THR A 852 -59.88 38.15 22.12
CA THR A 852 -59.41 37.24 21.08
C THR A 852 -58.98 35.94 21.75
N ALA A 853 -59.02 34.83 21.00
CA ALA A 853 -58.68 33.54 21.57
C ALA A 853 -58.07 32.65 20.50
N ARG A 854 -57.07 31.86 20.92
CA ARG A 854 -56.42 30.87 20.07
C ARG A 854 -56.33 29.55 20.82
N ILE A 855 -56.52 28.44 20.10
CA ILE A 855 -56.54 27.11 20.69
C ILE A 855 -55.49 26.25 19.99
N GLN A 856 -54.85 25.37 20.75
CA GLN A 856 -53.81 24.50 20.22
C GLN A 856 -53.94 23.12 20.87
N ALA A 857 -53.95 22.08 20.03
CA ALA A 857 -54.01 20.71 20.52
C ALA A 857 -52.60 20.16 20.66
N THR A 858 -52.38 19.41 21.74
CA THR A 858 -51.09 18.79 22.01
C THR A 858 -51.26 17.28 21.97
N SER A 859 -50.60 16.64 21.00
CA SER A 859 -50.67 15.20 20.82
C SER A 859 -49.45 14.53 21.44
N LEU A 860 -49.30 13.24 21.21
CA LEU A 860 -48.18 12.51 21.77
C LEU A 860 -46.87 12.85 21.08
N SER A 861 -46.91 13.14 19.77
CA SER A 861 -45.71 13.58 19.07
C SER A 861 -45.35 15.01 19.42
N GLY A 862 -46.33 15.83 19.74
CA GLY A 862 -46.08 17.23 20.05
C GLY A 862 -47.37 18.02 19.90
N ASN A 863 -47.21 19.33 19.81
CA ASN A 863 -48.35 20.22 19.65
C ASN A 863 -48.66 20.45 18.18
N GLY A 864 -49.89 20.89 17.92
CA GLY A 864 -50.28 21.34 16.60
C GLY A 864 -50.16 22.85 16.46
N SER A 865 -50.67 23.36 15.35
CA SER A 865 -50.63 24.79 15.09
C SER A 865 -51.79 25.48 15.79
N TRP A 866 -51.54 26.71 16.23
CA TRP A 866 -52.61 27.52 16.82
C TRP A 866 -53.67 27.83 15.78
N THR A 867 -54.92 27.87 16.23
CA THR A 867 -56.00 28.29 15.35
C THR A 867 -55.94 29.80 15.14
N ASP A 868 -56.48 30.24 14.00
CA ASP A 868 -56.63 31.67 13.78
C ASP A 868 -57.56 32.25 14.84
N PRO A 869 -57.35 33.50 15.24
CA PRO A 869 -58.07 34.04 16.39
C PRO A 869 -59.58 34.05 16.18
N VAL A 870 -60.31 33.69 17.23
CA VAL A 870 -61.76 33.87 17.29
C VAL A 870 -62.04 35.08 18.15
N PHE A 871 -63.06 35.85 17.79
CA PHE A 871 -63.35 37.13 18.43
C PHE A 871 -64.69 37.05 19.13
N PHE A 872 -64.70 37.35 20.43
CA PHE A 872 -65.92 37.37 21.22
C PHE A 872 -65.87 38.54 22.18
N TYR A 873 -67.06 38.97 22.62
CA TYR A 873 -67.21 40.13 23.48
C TYR A 873 -67.99 39.75 24.73
N VAL A 874 -67.66 40.40 25.84
CA VAL A 874 -68.36 40.25 27.11
C VAL A 874 -68.93 41.61 27.47
N GLN A 875 -70.25 41.75 27.39
CA GLN A 875 -70.89 43.02 27.67
C GLN A 875 -70.86 43.31 29.17
N ALA A 876 -70.70 44.58 29.51
CA ALA A 876 -70.70 45.02 30.89
C ALA A 876 -72.11 45.28 31.43
N LYS A 877 -73.12 45.28 30.57
CA LYS A 877 -74.50 45.56 30.97
C LYS A 877 -75.00 44.53 31.97
N THR B 2 32.06 25.79 -25.34
CA THR B 2 31.62 25.71 -23.96
C THR B 2 32.81 25.78 -23.01
N GLN B 3 32.55 26.19 -21.76
CA GLN B 3 33.59 26.41 -20.77
C GLN B 3 33.70 25.27 -19.77
N VAL B 4 33.19 24.08 -20.11
CA VAL B 4 33.25 22.96 -19.17
C VAL B 4 34.67 22.40 -19.12
N GLN B 5 35.12 22.07 -17.92
CA GLN B 5 36.45 21.51 -17.74
C GLN B 5 36.49 20.76 -16.41
N LEU B 6 37.35 19.73 -16.35
CA LEU B 6 37.54 18.93 -15.14
C LEU B 6 39.02 18.93 -14.81
N GLN B 7 39.36 19.36 -13.59
CA GLN B 7 40.74 19.43 -13.14
C GLN B 7 40.95 18.40 -12.03
N GLN B 8 41.86 17.47 -12.27
CA GLN B 8 42.16 16.41 -11.31
C GLN B 8 43.43 16.73 -10.54
N SER B 9 43.66 15.96 -9.47
CA SER B 9 44.83 16.16 -8.63
C SER B 9 46.10 15.78 -9.38
N GLY B 10 47.23 16.16 -8.80
CA GLY B 10 48.53 15.90 -9.40
C GLY B 10 48.93 14.44 -9.32
N PRO B 11 50.02 14.08 -9.98
CA PRO B 11 50.48 12.69 -9.94
C PRO B 11 50.91 12.28 -8.55
N ASP B 12 50.81 10.98 -8.28
CA ASP B 12 51.16 10.41 -6.99
C ASP B 12 52.05 9.20 -7.17
N VAL B 13 53.07 9.10 -6.32
CA VAL B 13 53.98 7.95 -6.27
C VAL B 13 54.05 7.53 -4.81
N VAL B 14 53.34 6.46 -4.46
CA VAL B 14 53.23 6.03 -3.07
C VAL B 14 53.68 4.58 -2.95
N ARG B 15 54.11 4.23 -1.74
CA ARG B 15 54.54 2.87 -1.45
C ARG B 15 53.32 1.95 -1.36
N PRO B 16 53.52 0.65 -1.54
CA PRO B 16 52.39 -0.29 -1.45
C PRO B 16 51.80 -0.34 -0.04
N GLY B 17 50.49 -0.53 0.03
CA GLY B 17 49.80 -0.67 1.28
C GLY B 17 49.22 0.61 1.86
N VAL B 18 49.36 1.73 1.17
CA VAL B 18 48.89 3.01 1.66
C VAL B 18 47.58 3.36 0.95
N SER B 19 46.79 4.22 1.57
CA SER B 19 45.55 4.71 0.99
C SER B 19 45.78 6.06 0.32
N VAL B 20 45.04 6.31 -0.76
CA VAL B 20 45.17 7.54 -1.51
C VAL B 20 43.79 7.91 -2.07
N LYS B 21 43.59 9.21 -2.29
CA LYS B 21 42.37 9.70 -2.91
C LYS B 21 42.71 10.75 -3.96
N ILE B 22 41.90 10.79 -5.02
CA ILE B 22 42.13 11.66 -6.16
C ILE B 22 40.97 12.66 -6.24
N SER B 23 41.31 13.93 -6.41
CA SER B 23 40.30 14.98 -6.52
C SER B 23 39.97 15.26 -7.98
N CYS B 24 38.80 15.85 -8.19
CA CYS B 24 38.36 16.24 -9.54
C CYS B 24 37.35 17.37 -9.38
N LYS B 25 37.75 18.58 -9.74
CA LYS B 25 36.91 19.77 -9.57
C LYS B 25 36.21 20.10 -10.87
N GLY B 26 34.90 20.38 -10.79
CA GLY B 26 34.13 20.80 -11.94
C GLY B 26 34.17 22.30 -12.17
N SER B 27 33.89 22.70 -13.40
CA SER B 27 33.95 24.11 -13.78
C SER B 27 33.20 24.31 -15.08
N GLY B 28 32.60 25.49 -15.22
CA GLY B 28 31.90 25.85 -16.43
C GLY B 28 30.56 25.17 -16.65
N TYR B 29 30.06 24.45 -15.64
CA TYR B 29 28.79 23.74 -15.77
C TYR B 29 28.18 23.57 -14.39
N THR B 30 26.89 23.27 -14.37
CA THR B 30 26.19 23.01 -13.12
C THR B 30 26.69 21.69 -12.54
N PHE B 31 27.48 21.79 -11.47
CA PHE B 31 28.12 20.59 -10.91
C PHE B 31 27.10 19.61 -10.35
N THR B 32 25.98 20.11 -9.84
CA THR B 32 24.96 19.24 -9.26
C THR B 32 24.04 18.59 -10.29
N ASP B 33 24.16 18.97 -11.56
CA ASP B 33 23.27 18.46 -12.60
C ASP B 33 23.85 17.27 -13.37
N TYR B 34 25.12 16.93 -13.16
CA TYR B 34 25.77 15.89 -13.94
C TYR B 34 26.48 14.90 -13.03
N ALA B 35 26.32 13.61 -13.33
CA ALA B 35 27.03 12.57 -12.60
C ALA B 35 28.50 12.55 -13.01
N ILE B 36 29.30 11.85 -12.20
CA ILE B 36 30.75 11.77 -12.42
C ILE B 36 31.14 10.30 -12.45
N HIS B 37 31.76 9.89 -13.56
CA HIS B 37 32.29 8.54 -13.71
C HIS B 37 33.78 8.52 -13.40
N TRP B 38 34.27 7.32 -13.06
CA TRP B 38 35.69 7.09 -12.84
C TRP B 38 36.13 5.90 -13.70
N VAL B 39 37.26 6.05 -14.39
CA VAL B 39 37.76 5.04 -15.30
C VAL B 39 39.24 4.80 -14.99
N LYS B 40 39.61 3.53 -14.84
CA LYS B 40 40.98 3.13 -14.59
C LYS B 40 41.60 2.61 -15.89
N GLN B 41 42.69 3.25 -16.33
CA GLN B 41 43.41 2.83 -17.52
C GLN B 41 44.81 2.40 -17.11
N SER B 42 45.05 1.10 -17.14
CA SER B 42 46.37 0.52 -16.87
C SER B 42 46.94 -0.04 -18.17
N HIS B 43 48.15 -0.58 -18.07
CA HIS B 43 48.75 -1.24 -19.23
C HIS B 43 47.97 -2.49 -19.61
N ALA B 44 47.56 -3.28 -18.63
CA ALA B 44 46.69 -4.42 -18.84
C ALA B 44 45.25 -4.03 -18.57
N LYS B 45 44.32 -4.76 -19.20
CA LYS B 45 42.87 -4.57 -19.07
C LYS B 45 42.38 -3.27 -19.71
N SER B 46 43.30 -2.34 -19.98
CA SER B 46 43.02 -1.08 -20.68
C SER B 46 41.98 -0.30 -19.87
N LEU B 47 40.97 0.27 -20.52
CA LEU B 47 39.99 1.11 -19.82
C LEU B 47 39.05 0.25 -18.99
N GLU B 48 39.01 0.51 -17.69
CA GLU B 48 38.13 -0.20 -16.75
C GLU B 48 37.26 0.82 -16.04
N TRP B 49 35.97 0.82 -16.35
CA TRP B 49 35.02 1.63 -15.59
C TRP B 49 34.87 1.05 -14.19
N ILE B 50 35.06 1.90 -13.18
CA ILE B 50 35.10 1.46 -11.80
C ILE B 50 33.96 2.00 -10.95
N GLY B 51 33.23 3.02 -11.42
CA GLY B 51 32.13 3.54 -10.64
C GLY B 51 31.63 4.89 -11.10
N VAL B 52 30.40 5.22 -10.72
CA VAL B 52 29.78 6.50 -11.05
C VAL B 52 29.07 7.04 -9.82
N ILE B 53 29.13 8.35 -9.61
CA ILE B 53 28.48 9.01 -8.50
C ILE B 53 27.51 10.05 -9.04
N SER B 54 26.31 10.09 -8.45
CA SER B 54 25.30 11.08 -8.80
C SER B 54 25.48 12.29 -7.89
N THR B 55 25.83 13.44 -8.48
CA THR B 55 26.13 14.63 -7.69
C THR B 55 24.90 15.19 -6.97
N TYR B 56 23.70 14.89 -7.47
CA TYR B 56 22.49 15.44 -6.85
C TYR B 56 22.21 14.78 -5.50
N ASN B 57 21.99 13.47 -5.51
CA ASN B 57 21.62 12.75 -4.29
C ASN B 57 22.81 12.21 -3.52
N GLY B 58 23.96 12.04 -4.18
CA GLY B 58 25.13 11.50 -3.53
C GLY B 58 25.29 10.00 -3.63
N ASN B 59 24.31 9.29 -4.18
CA ASN B 59 24.40 7.85 -4.31
C ASN B 59 25.42 7.47 -5.37
N THR B 60 25.90 6.24 -5.29
CA THR B 60 26.95 5.73 -6.16
C THR B 60 26.56 4.36 -6.71
N LYS B 61 27.24 3.97 -7.78
CA LYS B 61 27.16 2.62 -8.30
C LYS B 61 28.55 2.18 -8.72
N TYR B 62 29.05 1.10 -8.12
CA TYR B 62 30.40 0.62 -8.34
C TYR B 62 30.43 -0.58 -9.27
N ASN B 63 31.58 -0.77 -9.91
CA ASN B 63 31.88 -2.03 -10.56
C ASN B 63 32.25 -3.06 -9.50
N GLN B 64 31.70 -4.26 -9.62
CA GLN B 64 31.94 -5.29 -8.63
C GLN B 64 33.41 -5.65 -8.49
N LYS B 65 34.22 -5.38 -9.52
CA LYS B 65 35.66 -5.62 -9.43
C LYS B 65 36.38 -4.61 -8.55
N PHE B 66 35.72 -3.50 -8.19
CA PHE B 66 36.37 -2.42 -7.45
C PHE B 66 35.60 -2.00 -6.21
N LYS B 67 34.61 -2.78 -5.77
CA LYS B 67 33.80 -2.36 -4.63
C LYS B 67 34.62 -2.35 -3.34
N GLY B 68 35.34 -3.44 -3.05
CA GLY B 68 36.17 -3.50 -1.88
C GLY B 68 37.49 -2.77 -1.98
N LYS B 69 37.72 -2.08 -3.09
CA LYS B 69 38.98 -1.37 -3.33
C LYS B 69 38.79 0.13 -3.49
N ALA B 70 37.72 0.57 -4.13
CA ALA B 70 37.49 1.97 -4.43
C ALA B 70 36.35 2.52 -3.57
N ALA B 71 36.32 3.85 -3.46
CA ALA B 71 35.28 4.55 -2.72
C ALA B 71 35.12 5.93 -3.32
N ILE B 72 33.95 6.21 -3.89
CA ILE B 72 33.69 7.46 -4.59
C ILE B 72 32.82 8.36 -3.71
N THR B 73 33.30 9.58 -3.46
CA THR B 73 32.58 10.57 -2.67
C THR B 73 32.49 11.86 -3.46
N VAL B 74 31.66 12.78 -2.97
CA VAL B 74 31.41 14.05 -3.63
C VAL B 74 31.43 15.17 -2.59
N ASP B 75 31.64 16.40 -3.08
CA ASP B 75 31.59 17.60 -2.26
C ASP B 75 30.79 18.63 -3.03
N LYS B 76 29.50 18.79 -2.67
CA LYS B 76 28.62 19.67 -3.42
C LYS B 76 29.09 21.12 -3.37
N SER B 77 29.54 21.58 -2.21
CA SER B 77 29.97 22.97 -2.08
C SER B 77 31.24 23.23 -2.88
N SER B 78 32.26 22.37 -2.71
CA SER B 78 33.52 22.55 -3.40
C SER B 78 33.48 22.11 -4.86
N SER B 79 32.39 21.47 -5.29
CA SER B 79 32.26 20.96 -6.67
C SER B 79 33.41 20.03 -7.00
N THR B 80 33.64 19.05 -6.13
CA THR B 80 34.77 18.14 -6.26
C THR B 80 34.37 16.74 -5.86
N ALA B 81 34.76 15.76 -6.68
CA ALA B 81 34.59 14.34 -6.37
C ALA B 81 35.92 13.74 -5.94
N TYR B 82 35.84 12.61 -5.26
CA TYR B 82 37.02 11.96 -4.72
C TYR B 82 36.95 10.46 -4.95
N LEU B 83 38.09 9.88 -5.31
CA LEU B 83 38.22 8.44 -5.60
C LEU B 83 39.27 7.87 -4.66
N GLU B 84 38.82 7.22 -3.59
CA GLU B 84 39.71 6.67 -2.58
C GLU B 84 40.11 5.24 -2.94
N LEU B 85 41.38 4.92 -2.69
CA LEU B 85 41.91 3.59 -2.97
C LEU B 85 42.81 3.16 -1.81
N ALA B 86 42.41 2.10 -1.13
CA ALA B 86 43.15 1.58 0.01
C ALA B 86 43.96 0.35 -0.39
N ARG B 87 44.89 -0.03 0.49
CA ARG B 87 45.79 -1.17 0.33
C ARG B 87 46.28 -1.30 -1.11
N LEU B 88 46.92 -0.23 -1.59
CA LEU B 88 47.34 -0.15 -2.98
C LEU B 88 48.32 -1.26 -3.33
N THR B 89 48.12 -1.85 -4.50
CA THR B 89 48.95 -2.92 -5.03
C THR B 89 49.64 -2.43 -6.30
N SER B 90 50.65 -3.19 -6.73
CA SER B 90 51.32 -2.88 -7.99
C SER B 90 50.37 -2.97 -9.18
N GLU B 91 49.26 -3.71 -9.04
CA GLU B 91 48.26 -3.76 -10.11
C GLU B 91 47.55 -2.41 -10.25
N ASP B 92 47.22 -1.76 -9.13
CA ASP B 92 46.49 -0.51 -9.17
C ASP B 92 47.31 0.65 -9.72
N SER B 93 48.60 0.44 -9.97
CA SER B 93 49.43 1.47 -10.59
C SER B 93 48.93 1.77 -12.00
N ALA B 94 48.19 2.87 -12.16
CA ALA B 94 47.58 3.20 -13.44
C ALA B 94 47.25 4.69 -13.44
N ILE B 95 46.59 5.12 -14.51
CA ILE B 95 46.08 6.48 -14.65
C ILE B 95 44.57 6.43 -14.54
N TYR B 96 44.01 7.16 -13.59
CA TYR B 96 42.57 7.22 -13.37
C TYR B 96 42.01 8.50 -13.98
N TYR B 97 40.83 8.39 -14.57
CA TYR B 97 40.21 9.48 -15.33
C TYR B 97 38.90 9.90 -14.70
N CYS B 98 38.63 11.20 -14.74
CA CYS B 98 37.39 11.79 -14.26
C CYS B 98 36.52 12.13 -15.46
N ALA B 99 35.27 11.66 -15.46
CA ALA B 99 34.37 11.85 -16.59
C ALA B 99 33.04 12.38 -16.09
N SER B 100 32.51 13.39 -16.78
CA SER B 100 31.23 13.98 -16.40
C SER B 100 30.66 14.72 -17.61
N TYR B 101 29.78 15.69 -17.36
CA TYR B 101 29.08 16.47 -18.39
C TYR B 101 28.33 15.57 -19.35
N GLY B 102 27.92 14.39 -18.89
CA GLY B 102 27.13 13.48 -19.71
C GLY B 102 25.95 12.93 -18.96
N ASP B 103 25.94 11.62 -18.75
CA ASP B 103 24.89 10.94 -18.00
C ASP B 103 25.42 9.58 -17.55
N LEU B 104 24.52 8.75 -17.01
CA LEU B 104 24.91 7.42 -16.55
C LEU B 104 25.24 6.48 -17.71
N TYR B 105 25.13 6.93 -18.95
CA TYR B 105 25.35 6.09 -20.13
C TYR B 105 26.55 6.51 -20.96
N VAL B 106 26.79 7.82 -21.10
CA VAL B 106 27.89 8.32 -21.90
C VAL B 106 28.76 9.23 -21.04
N MET B 107 30.05 9.27 -21.36
CA MET B 107 31.02 10.09 -20.67
C MET B 107 31.55 11.11 -21.68
N ASP B 108 30.89 12.26 -21.76
CA ASP B 108 31.18 13.22 -22.81
C ASP B 108 32.53 13.88 -22.62
N TYR B 109 32.79 14.43 -21.42
CA TYR B 109 34.02 15.15 -21.15
C TYR B 109 34.86 14.37 -20.14
N TRP B 110 36.18 14.40 -20.33
CA TRP B 110 37.10 13.64 -19.52
C TRP B 110 38.17 14.55 -18.93
N GLY B 111 38.54 14.30 -17.68
CA GLY B 111 39.63 15.02 -17.06
C GLY B 111 40.97 14.61 -17.61
N GLN B 112 42.00 15.37 -17.24
CA GLN B 112 43.33 15.11 -17.77
C GLN B 112 43.94 13.81 -17.24
N GLY B 113 43.43 13.30 -16.12
CA GLY B 113 43.91 12.04 -15.59
C GLY B 113 44.92 12.23 -14.48
N THR B 114 44.94 11.29 -13.54
CA THR B 114 45.85 11.30 -12.41
C THR B 114 46.66 10.02 -12.43
N SER B 115 47.99 10.17 -12.44
CA SER B 115 48.90 9.03 -12.50
C SER B 115 49.23 8.56 -11.09
N VAL B 116 48.85 7.33 -10.77
CA VAL B 116 49.17 6.70 -9.50
C VAL B 116 50.18 5.60 -9.77
N THR B 117 51.36 5.72 -9.16
CA THR B 117 52.44 4.75 -9.33
C THR B 117 52.76 4.15 -7.97
N VAL B 118 52.70 2.82 -7.88
CA VAL B 118 52.92 2.08 -6.65
C VAL B 118 54.30 1.44 -6.75
N SER B 119 55.23 1.89 -5.91
CA SER B 119 56.60 1.39 -5.92
C SER B 119 56.78 0.25 -4.92
N GLY C 1 26.14 -12.18 -16.31
CA GLY C 1 27.47 -11.65 -16.04
C GLY C 1 27.71 -10.32 -16.70
N ASP C 2 28.98 -10.01 -16.94
CA ASP C 2 29.35 -8.76 -17.58
C ASP C 2 29.19 -8.87 -19.10
N ILE C 3 29.56 -7.80 -19.80
CA ILE C 3 29.54 -7.75 -21.25
C ILE C 3 30.94 -7.41 -21.73
N VAL C 4 31.53 -8.30 -22.52
CA VAL C 4 32.88 -8.13 -23.04
C VAL C 4 32.81 -7.60 -24.46
N LEU C 5 33.61 -6.56 -24.74
CA LEU C 5 33.69 -5.96 -26.05
C LEU C 5 35.02 -6.34 -26.69
N THR C 6 34.94 -7.08 -27.80
CA THR C 6 36.13 -7.51 -28.53
C THR C 6 36.28 -6.63 -29.76
N GLN C 7 37.39 -5.89 -29.83
CA GLN C 7 37.67 -4.99 -30.94
C GLN C 7 38.73 -5.60 -31.84
N SER C 8 38.38 -5.84 -33.10
CA SER C 8 39.29 -6.39 -34.08
C SER C 8 39.31 -5.51 -35.32
N PRO C 9 40.49 -5.27 -35.91
CA PRO C 9 41.78 -5.78 -35.43
C PRO C 9 42.36 -4.92 -34.30
N ALA C 10 43.36 -5.45 -33.59
CA ALA C 10 43.96 -4.72 -32.48
C ALA C 10 44.83 -3.57 -32.96
N THR C 11 45.34 -3.63 -34.19
CA THR C 11 46.22 -2.59 -34.70
C THR C 11 46.04 -2.47 -36.20
N LEU C 12 46.01 -1.24 -36.70
CA LEU C 12 45.87 -0.95 -38.12
C LEU C 12 46.99 -0.02 -38.54
N SER C 13 47.86 -0.49 -39.43
CA SER C 13 48.92 0.32 -40.00
C SER C 13 48.37 1.05 -41.22
N VAL C 14 48.18 2.36 -41.09
CA VAL C 14 47.53 3.16 -42.11
C VAL C 14 48.43 4.33 -42.50
N THR C 15 48.38 4.71 -43.78
CA THR C 15 48.98 5.87 -44.42
C THR C 15 47.95 6.99 -44.51
N PRO C 16 48.33 8.23 -44.18
CA PRO C 16 47.37 9.34 -44.23
C PRO C 16 46.74 9.48 -45.60
N GLY C 17 45.42 9.27 -45.66
CA GLY C 17 44.69 9.33 -46.91
C GLY C 17 43.84 8.11 -47.16
N ASP C 18 44.17 7.00 -46.49
CA ASP C 18 43.45 5.75 -46.67
C ASP C 18 42.17 5.74 -45.85
N SER C 19 41.12 5.15 -46.42
CA SER C 19 39.87 4.96 -45.71
C SER C 19 39.92 3.63 -44.95
N VAL C 20 39.55 3.66 -43.67
CA VAL C 20 39.64 2.50 -42.82
C VAL C 20 38.35 2.35 -42.04
N SER C 21 38.10 1.13 -41.55
CA SER C 21 36.91 0.83 -40.78
C SER C 21 37.30 -0.03 -39.58
N LEU C 22 36.90 0.41 -38.39
CA LEU C 22 37.12 -0.33 -37.16
C LEU C 22 35.88 -1.13 -36.80
N SER C 23 36.09 -2.21 -36.04
CA SER C 23 35.02 -3.11 -35.66
C SER C 23 35.06 -3.37 -34.16
N CYS C 24 33.88 -3.38 -33.54
CA CYS C 24 33.75 -3.65 -32.11
C CYS C 24 32.51 -4.51 -31.92
N ARG C 25 32.72 -5.80 -31.62
CA ARG C 25 31.65 -6.75 -31.43
C ARG C 25 31.44 -7.02 -29.95
N ALA C 26 30.22 -7.43 -29.59
CA ALA C 26 29.84 -7.62 -28.21
C ALA C 26 29.37 -9.05 -27.96
N SER C 27 29.48 -9.48 -26.72
CA SER C 27 29.01 -10.81 -26.32
C SER C 27 27.49 -10.86 -26.37
N GLN C 28 26.83 -10.10 -25.50
CA GLN C 28 25.39 -9.97 -25.55
C GLN C 28 24.98 -8.91 -26.58
N THR C 29 23.68 -8.86 -26.86
CA THR C 29 23.17 -7.89 -27.82
C THR C 29 22.98 -6.53 -27.15
N ILE C 30 23.56 -5.49 -27.74
CA ILE C 30 23.51 -4.15 -27.17
C ILE C 30 22.49 -3.26 -27.88
N SER C 31 21.97 -3.68 -29.03
CA SER C 31 21.03 -2.89 -29.82
C SER C 31 21.64 -1.56 -30.23
N ASN C 32 21.50 -0.54 -29.38
CA ASN C 32 21.93 0.81 -29.71
C ASN C 32 22.91 1.40 -28.69
N ASN C 33 23.09 0.79 -27.54
CA ASN C 33 23.83 1.40 -26.44
C ASN C 33 25.34 1.13 -26.55
N LEU C 34 25.92 1.62 -27.64
CA LEU C 34 27.36 1.57 -27.82
C LEU C 34 27.87 2.96 -28.19
N HIS C 35 29.02 3.33 -27.64
CA HIS C 35 29.63 4.63 -27.88
C HIS C 35 31.09 4.44 -28.23
N TRP C 36 31.66 5.45 -28.88
CA TRP C 36 33.05 5.41 -29.33
C TRP C 36 33.84 6.55 -28.72
N TYR C 37 35.15 6.34 -28.58
CA TYR C 37 36.05 7.33 -28.01
C TYR C 37 37.38 7.31 -28.75
N GLN C 38 37.94 8.49 -28.97
CA GLN C 38 39.28 8.64 -29.53
C GLN C 38 40.24 9.09 -28.44
N GLN C 39 41.41 8.46 -28.37
CA GLN C 39 42.44 8.81 -27.41
C GLN C 39 43.77 8.93 -28.13
N LYS C 40 44.25 10.15 -28.30
CA LYS C 40 45.59 10.35 -28.82
C LYS C 40 46.63 10.10 -27.74
N SER C 41 47.90 10.15 -28.14
CA SER C 41 48.98 9.87 -27.21
C SER C 41 49.08 10.98 -26.16
N HIS C 42 49.15 10.59 -24.89
CA HIS C 42 49.31 11.52 -23.77
C HIS C 42 48.15 12.52 -23.71
N GLU C 43 46.93 12.03 -23.90
CA GLU C 43 45.72 12.83 -23.78
C GLU C 43 44.64 12.00 -23.12
N SER C 44 43.50 12.62 -22.88
CA SER C 44 42.35 11.90 -22.38
C SER C 44 41.42 11.50 -23.52
N PRO C 45 40.72 10.37 -23.40
CA PRO C 45 39.80 9.97 -24.47
C PRO C 45 38.64 10.94 -24.59
N ARG C 46 38.32 11.31 -25.82
CA ARG C 46 37.21 12.20 -26.10
C ARG C 46 36.12 11.46 -26.87
N LEU C 47 34.87 11.85 -26.63
CA LEU C 47 33.74 11.18 -27.25
C LEU C 47 33.71 11.45 -28.75
N LEU C 48 33.44 10.40 -29.52
CA LEU C 48 33.33 10.50 -30.98
C LEU C 48 31.90 10.30 -31.45
N ILE C 49 31.28 9.17 -31.11
CA ILE C 49 29.96 8.80 -31.62
C ILE C 49 29.08 8.42 -30.44
N LYS C 50 27.94 9.09 -30.31
CA LYS C 50 26.92 8.68 -29.36
C LYS C 50 26.04 7.60 -29.98
N TYR C 51 25.68 6.61 -29.17
CA TYR C 51 24.69 5.58 -29.52
C TYR C 51 24.89 5.05 -30.94
N ALA C 52 26.05 4.43 -31.13
CA ALA C 52 26.36 3.63 -32.32
C ALA C 52 26.46 4.43 -33.61
N SER C 53 25.61 5.44 -33.80
CA SER C 53 25.55 6.10 -35.10
C SER C 53 25.61 7.62 -35.02
N GLN C 54 24.72 8.23 -34.24
CA GLN C 54 24.63 9.69 -34.21
C GLN C 54 25.94 10.31 -33.71
N SER C 55 26.43 11.30 -34.45
CA SER C 55 27.73 11.89 -34.20
C SER C 55 27.63 13.01 -33.17
N ILE C 56 28.77 13.62 -32.86
CA ILE C 56 28.89 14.66 -31.86
C ILE C 56 29.24 15.98 -32.55
N SER C 57 28.67 17.07 -32.06
CA SER C 57 29.07 18.39 -32.53
C SER C 57 30.52 18.65 -32.15
N GLY C 58 31.37 18.84 -33.16
CA GLY C 58 32.78 19.08 -32.90
C GLY C 58 33.70 18.13 -33.65
N ILE C 59 33.38 16.84 -33.61
CA ILE C 59 34.18 15.82 -34.30
C ILE C 59 33.99 16.00 -35.80
N PRO C 60 35.02 15.75 -36.61
CA PRO C 60 34.90 15.97 -38.05
C PRO C 60 33.94 14.98 -38.70
N SER C 61 33.58 15.30 -39.94
CA SER C 61 32.65 14.47 -40.69
C SER C 61 33.25 13.15 -41.15
N ARG C 62 34.57 12.98 -41.02
CA ARG C 62 35.20 11.73 -41.45
C ARG C 62 34.76 10.55 -40.60
N PHE C 63 34.47 10.79 -39.33
CA PHE C 63 34.10 9.71 -38.41
C PHE C 63 32.62 9.40 -38.52
N SER C 64 32.29 8.13 -38.69
CA SER C 64 30.90 7.70 -38.80
C SER C 64 30.75 6.32 -38.16
N GLY C 65 29.66 6.14 -37.42
CA GLY C 65 29.39 4.87 -36.78
C GLY C 65 28.29 4.09 -37.47
N SER C 66 28.29 2.77 -37.29
CA SER C 66 27.30 1.91 -37.91
C SER C 66 27.04 0.71 -37.01
N GLY C 67 26.11 -0.13 -37.43
CA GLY C 67 25.80 -1.35 -36.71
C GLY C 67 24.69 -1.17 -35.69
N SER C 68 24.04 -2.30 -35.38
CA SER C 68 22.95 -2.31 -34.39
C SER C 68 22.73 -3.75 -33.96
N GLY C 69 22.86 -4.02 -32.66
CA GLY C 69 22.67 -5.35 -32.14
C GLY C 69 23.89 -5.92 -31.47
N THR C 70 24.68 -6.69 -32.23
CA THR C 70 25.88 -7.32 -31.70
C THR C 70 27.15 -6.94 -32.46
N ASP C 71 27.05 -6.47 -33.69
CA ASP C 71 28.21 -6.08 -34.50
C ASP C 71 28.12 -4.59 -34.79
N PHE C 72 29.17 -3.85 -34.42
CA PHE C 72 29.24 -2.43 -34.63
C PHE C 72 30.54 -2.07 -35.35
N THR C 73 30.49 -1.03 -36.18
CA THR C 73 31.64 -0.62 -36.97
C THR C 73 31.81 0.88 -36.92
N LEU C 74 33.06 1.32 -36.84
CA LEU C 74 33.42 2.74 -36.91
C LEU C 74 34.26 2.96 -38.16
N SER C 75 33.82 3.85 -39.03
CA SER C 75 34.49 4.12 -40.30
C SER C 75 35.19 5.48 -40.25
N ILE C 76 36.27 5.59 -41.01
CA ILE C 76 37.04 6.82 -41.14
C ILE C 76 37.33 7.03 -42.62
N ASN C 77 36.64 8.00 -43.24
CA ASN C 77 36.88 8.33 -44.63
C ASN C 77 38.13 9.22 -44.71
N SER C 78 39.20 8.67 -45.29
CA SER C 78 40.48 9.37 -45.43
C SER C 78 41.07 9.75 -44.08
N VAL C 79 41.93 8.90 -43.55
CA VAL C 79 42.59 9.18 -42.27
C VAL C 79 43.55 10.35 -42.46
N GLU C 80 43.50 11.30 -41.52
CA GLU C 80 44.39 12.45 -41.53
C GLU C 80 45.59 12.20 -40.62
N THR C 81 46.57 13.11 -40.70
CA THR C 81 47.76 13.01 -39.86
C THR C 81 47.46 13.22 -38.38
N GLU C 82 46.25 13.66 -38.04
CA GLU C 82 45.86 13.87 -36.65
C GLU C 82 45.07 12.70 -36.08
N ASP C 83 44.43 11.90 -36.92
CA ASP C 83 43.57 10.80 -36.47
C ASP C 83 44.34 9.59 -35.96
N PHE C 84 45.68 9.65 -35.94
CA PHE C 84 46.48 8.51 -35.51
C PHE C 84 46.48 8.44 -33.98
N GLY C 85 45.70 7.51 -33.45
CA GLY C 85 45.63 7.30 -32.02
C GLY C 85 45.05 5.93 -31.73
N MET C 86 44.48 5.81 -30.54
CA MET C 86 43.85 4.57 -30.09
C MET C 86 42.37 4.82 -29.86
N TYR C 87 41.53 3.90 -30.35
CA TYR C 87 40.09 4.06 -30.34
C TYR C 87 39.45 2.96 -29.51
N PHE C 88 38.44 3.34 -28.72
CA PHE C 88 37.72 2.42 -27.85
C PHE C 88 36.23 2.49 -28.15
N CYS C 89 35.53 1.42 -27.79
CA CYS C 89 34.07 1.38 -27.80
C CYS C 89 33.58 1.10 -26.37
N GLN C 90 32.50 1.75 -25.99
CA GLN C 90 32.00 1.69 -24.62
C GLN C 90 30.64 0.99 -24.59
N GLN C 91 30.55 -0.06 -23.77
CA GLN C 91 29.27 -0.68 -23.48
C GLN C 91 28.45 0.22 -22.56
N SER C 92 27.13 0.23 -22.75
CA SER C 92 26.32 1.19 -21.99
C SER C 92 24.87 0.77 -21.77
N ASN C 93 24.52 -0.51 -21.91
CA ASN C 93 23.14 -0.94 -21.68
C ASN C 93 22.94 -1.75 -20.42
N SER C 94 23.99 -2.34 -19.87
CA SER C 94 23.88 -3.14 -18.65
C SER C 94 25.09 -2.88 -17.76
N TRP C 95 24.83 -2.75 -16.47
CA TRP C 95 25.92 -2.54 -15.52
C TRP C 95 26.74 -3.81 -15.37
N PRO C 96 28.07 -3.69 -15.20
CA PRO C 96 28.80 -2.42 -15.19
C PRO C 96 29.15 -1.94 -16.60
N ARG C 97 29.48 -0.65 -16.71
CA ARG C 97 29.98 -0.13 -17.98
C ARG C 97 31.33 -0.78 -18.30
N THR C 98 31.46 -1.28 -19.52
CA THR C 98 32.69 -1.94 -19.94
C THR C 98 33.17 -1.33 -21.25
N PHE C 99 34.49 -1.39 -21.46
CA PHE C 99 35.13 -0.85 -22.64
C PHE C 99 35.69 -1.99 -23.51
N GLY C 100 36.14 -1.61 -24.70
CA GLY C 100 36.85 -2.53 -25.55
C GLY C 100 38.34 -2.53 -25.25
N ALA C 101 39.04 -3.52 -25.82
CA ALA C 101 40.47 -3.64 -25.58
C ALA C 101 41.23 -2.47 -26.17
N GLY C 102 40.70 -1.86 -27.22
CA GLY C 102 41.37 -0.74 -27.87
C GLY C 102 41.97 -1.15 -29.19
N THR C 103 41.84 -0.28 -30.19
CA THR C 103 42.41 -0.49 -31.52
C THR C 103 43.37 0.65 -31.80
N LYS C 104 44.66 0.32 -31.90
CA LYS C 104 45.68 1.33 -32.18
C LYS C 104 45.73 1.61 -33.66
N LEU C 105 45.70 2.89 -34.03
CA LEU C 105 45.76 3.33 -35.41
C LEU C 105 47.13 3.98 -35.61
N GLU C 106 48.13 3.16 -35.93
CA GLU C 106 49.50 3.63 -36.07
C GLU C 106 49.86 3.85 -37.53
N LEU C 107 51.02 4.45 -37.74
CA LEU C 107 51.48 4.86 -39.06
C LEU C 107 52.19 3.71 -39.75
N LYS C 108 51.77 3.40 -40.97
CA LYS C 108 52.37 2.30 -41.73
C LYS C 108 53.68 2.72 -42.38
C1 NAG D . -2.62 25.19 0.05
C2 NAG D . -4.11 25.22 0.31
C3 NAG D . -4.78 24.02 -0.36
C4 NAG D . -4.42 23.94 -1.84
C5 NAG D . -2.89 24.01 -2.01
C6 NAG D . -2.47 24.09 -3.46
C7 NAG D . -4.75 26.33 2.40
C8 NAG D . -5.00 26.16 3.87
N2 NAG D . -4.40 25.22 1.74
O3 NAG D . -6.20 24.13 -0.20
O4 NAG D . -4.85 22.70 -2.40
O5 NAG D . -2.37 25.17 -1.35
O6 NAG D . -2.40 25.44 -3.90
O7 NAG D . -4.87 27.42 1.84
C1 NAG D . -6.17 22.77 -2.97
C2 NAG D . -6.08 22.63 -4.50
C3 NAG D . -7.48 22.59 -5.12
C4 NAG D . -8.32 21.50 -4.44
C5 NAG D . -8.34 21.72 -2.93
C6 NAG D . -9.06 20.63 -2.18
C7 NAG D . -4.73 23.64 -6.29
C8 NAG D . -3.97 24.85 -6.74
N2 NAG D . -5.31 23.71 -5.08
O3 NAG D . -7.40 22.34 -6.51
O4 NAG D . -9.66 21.56 -4.93
O5 NAG D . -6.99 21.73 -2.43
O6 NAG D . -10.27 20.26 -2.85
O7 NAG D . -4.81 22.63 -6.98
C1 NAG E . -30.28 -36.04 5.18
C2 NAG E . -31.49 -36.67 5.87
C3 NAG E . -31.87 -37.99 5.19
C4 NAG E . -32.08 -37.76 3.70
C5 NAG E . -30.82 -37.13 3.09
C6 NAG E . -30.99 -36.79 1.63
C7 NAG E . -32.18 -36.64 8.23
C8 NAG E . -31.76 -36.90 9.63
N2 NAG E . -31.25 -36.87 7.29
O3 NAG E . -33.05 -38.51 5.78
O4 NAG E . -32.39 -38.98 3.04
O5 NAG E . -30.54 -35.89 3.77
O6 NAG E . -29.86 -36.08 1.13
O7 NAG E . -33.30 -36.24 7.94
C1 NAG E . -33.79 -38.90 2.66
C2 NAG E . -34.07 -39.88 1.53
C3 NAG E . -35.55 -39.83 1.15
C4 NAG E . -36.42 -40.06 2.37
C5 NAG E . -36.03 -39.08 3.49
C6 NAG E . -36.79 -39.32 4.77
C7 NAG E . -32.14 -40.31 0.07
C8 NAG E . -31.40 -39.88 -1.16
N2 NAG E . -33.23 -39.60 0.37
O3 NAG E . -35.81 -40.83 0.17
O4 NAG E . -37.79 -39.86 2.03
O5 NAG E . -34.64 -39.20 3.79
O6 NAG E . -37.83 -38.38 4.96
O7 NAG E . -31.76 -41.26 0.75
S SO4 F . 3.29 9.51 2.36
O1 SO4 F . 2.63 8.76 1.29
O2 SO4 F . 4.65 9.03 2.53
O3 SO4 F . 3.31 10.92 2.01
O4 SO4 F . 2.56 9.31 3.60
C1 MLT G . 16.54 23.50 -15.69
O1 MLT G . 16.25 22.89 -16.75
O2 MLT G . 16.15 24.68 -15.54
C2 MLT G . 17.34 22.82 -14.62
O3 MLT G . 16.94 21.47 -14.54
C3 MLT G . 17.09 23.50 -13.29
C4 MLT G . 18.05 22.97 -12.25
O4 MLT G . 18.13 21.75 -12.02
O5 MLT G . 18.80 23.76 -11.64
C1 MLT H . 11.97 7.62 7.90
O1 MLT H . 11.69 6.41 7.91
O2 MLT H . 11.12 8.45 7.53
C2 MLT H . 13.33 8.09 8.35
O3 MLT H . 13.20 9.05 9.37
C3 MLT H . 14.08 8.69 7.16
C4 MLT H . 15.18 7.76 6.70
O4 MLT H . 15.08 7.14 5.63
O5 MLT H . 16.20 7.61 7.40
C1 NAG I . 27.40 28.95 1.07
C2 NAG I . 28.44 27.92 0.59
C3 NAG I . 29.85 28.40 0.94
C4 NAG I . 30.08 29.80 0.39
C5 NAG I . 28.99 30.75 0.89
C6 NAG I . 29.10 32.13 0.31
C7 NAG I . 28.22 26.31 2.46
C8 NAG I . 27.93 24.89 2.82
N2 NAG I . 28.18 26.60 1.15
O3 NAG I . 30.80 27.50 0.37
O4 NAG I . 31.35 30.29 0.83
O5 NAG I . 27.71 30.23 0.51
O6 NAG I . 28.27 33.06 1.02
O7 NAG I . 28.46 27.16 3.32
C1 NAG J . -10.14 -23.50 -4.42
C2 NAG J . -9.00 -22.67 -3.85
C3 NAG J . -9.54 -21.42 -3.18
C4 NAG J . -10.45 -20.64 -4.14
C5 NAG J . -11.52 -21.57 -4.72
C6 NAG J . -12.35 -20.90 -5.78
C7 NAG J . -7.18 -24.22 -3.30
C8 NAG J . -6.47 -24.96 -2.20
N2 NAG J . -8.19 -23.45 -2.91
O3 NAG J . -8.47 -20.59 -2.75
O4 NAG J . -11.08 -19.57 -3.44
O5 NAG J . -10.91 -22.71 -5.33
O6 NAG J . -11.90 -21.22 -7.09
O7 NAG J . -6.86 -24.34 -4.47
C1 NAG K . -27.53 -24.15 -2.53
C2 NAG K . -28.11 -25.16 -3.53
C3 NAG K . -27.02 -25.64 -4.49
C4 NAG K . -26.34 -24.46 -5.16
C5 NAG K . -25.82 -23.48 -4.10
C6 NAG K . -25.24 -22.22 -4.69
C7 NAG K . -30.00 -26.62 -2.98
C8 NAG K . -30.46 -27.81 -2.19
N2 NAG K . -28.72 -26.28 -2.83
O3 NAG K . -27.61 -26.48 -5.47
O4 NAG K . -25.25 -24.90 -5.95
O5 NAG K . -26.91 -23.08 -3.25
O6 NAG K . -26.17 -21.56 -5.54
O7 NAG K . -30.77 -26.00 -3.71
C1 NAG L . -46.32 23.90 17.96
C2 NAG L . -46.57 23.94 16.45
C3 NAG L . -45.59 24.90 15.77
C4 NAG L . -45.64 26.26 16.43
C5 NAG L . -45.41 26.13 17.93
C6 NAG L . -45.55 27.43 18.67
C7 NAG L . -47.12 22.23 14.76
C8 NAG L . -46.89 20.83 14.30
N2 NAG L . -46.46 22.61 15.87
O3 NAG L . -45.91 25.01 14.39
O4 NAG L . -44.64 27.11 15.87
O5 NAG L . -46.38 25.24 18.49
O6 NAG L . -45.74 28.52 17.78
O7 NAG L . -47.87 23.00 14.16
N1 IMD M . 45.41 0.45 -23.19
C2 IMD M . 46.38 0.18 -22.28
N3 IMD M . 47.34 1.14 -22.37
C4 IMD M . 46.97 2.02 -23.32
C5 IMD M . 45.76 1.59 -23.83
#